data_7RB3
#
_entry.id   7RB3
#
_cell.length_a   1.00
_cell.length_b   1.00
_cell.length_c   1.00
_cell.angle_alpha   90.00
_cell.angle_beta   90.00
_cell.angle_gamma   90.00
#
_symmetry.space_group_name_H-M   'P 1'
#
loop_
_entity.id
_entity.type
_entity.pdbx_description
1 polymer 'N-alpha-acetyltransferase 35, NatC auxiliary subunit'
2 polymer 'N-alpha-acetyltransferase 30'
3 non-polymer 'CARBOXYMETHYL COENZYME *A'
4 non-polymer METHIONINE
5 non-polymer LEUCINE
#
loop_
_entity_poly.entity_id
_entity_poly.type
_entity_poly.pdbx_seq_one_letter_code
_entity_poly.pdbx_strand_id
1 'polypeptide(L)'
;NWVDITQDFEEACRELKLGELLHDKLFGLFEAMSAIEMMDPKMDAGMIGNQVNRKVLNFEQAIKDGTIKIKDLTLPELIG
IMDTCFCCLITWLEGHSLAQTVFTCLYIHNPDFIEDPAMKAFALGILKICDIAREKVNKAAVFEEEDFQSMTYGFKMANS
VTDLRVTGMLKDVEDDMQRRVKSTRSRQGEERDPEVELEHQQCLAVFSRVKFTRVLLTVLIAFTKKETSAVAEAQKLMVQ
AADLLSAIHNSLHHGIQAQNDTTKGDHPIMMGFEPLVNQRLLPPTFPRYAKIIKREEMVNYFARLIDRIKTVCEVVNLTN
LHCILDFFCEFSEQSPCVLSRSLLQTTFLVDNKKVFGTHLMQDMVKDALRSFVSPPVLSPKCYLYNNHQAKDCIDSFVTH
CVRPFCSLIQIHGHNRARQRDKLGHILEEFATLQDEAEKVDAALHTMLLKQEPQRQHLACLGTWVLYHNLRIMIQYLLSG
FELELYSMHEYYYIYWYLSEFLYAWLMSTLSRADGSQMAEERIMEEQQKGRSSKKTKKKKKVRPLSREITMSQAYQNMCA
GMFKTMVAFDMDGKVRKPKFELDSEQVRYEHRFAPFNSVMTPPPVHYLQFKEMSDLNKYSPPPQSPELYVAASKHFQQAK
MILENIPNPDHEVNRILKVAKPNFVVMKLLAGGHKKESKVPPEFDFSAHKYFPVVKLV
;
B
2 'polypeptide(L)'
;RTIRYVRYESELQMPDIMRLITKDLSEPYSIYTYRYFIHNWPQLCFLAMVGEECVGAIVCKLDMHKKMFRRGYIAMLAVD
SKYRRNGIGTNLVKKAIYAMVEGDCDEVVLETEITNKSALKLYENLGFVRDKRLFRYYLNGVDALRLKLWLR
;
A
#
loop_
_chem_comp.id
_chem_comp.type
_chem_comp.name
_chem_comp.formula
CMC non-polymer 'CARBOXYMETHYL COENZYME *A' 'C23 H38 N7 O18 P3 S'
#
# COMPACT_ATOMS: atom_id res chain seq x y z
N LEU A 57 6.68 -21.75 31.03
CA LEU A 57 7.68 -22.79 31.21
C LEU A 57 8.22 -23.29 29.88
N ASN A 58 9.53 -23.53 29.83
CA ASN A 58 10.16 -24.00 28.60
C ASN A 58 9.75 -25.43 28.29
N PHE A 59 9.73 -25.76 27.01
CA PHE A 59 9.30 -27.10 26.56
C PHE A 59 10.17 -28.18 27.18
N GLU A 60 11.50 -27.99 27.16
CA GLU A 60 12.40 -28.98 27.73
C GLU A 60 12.19 -29.13 29.23
N GLN A 61 11.95 -28.02 29.92
CA GLN A 61 11.71 -28.05 31.36
C GLN A 61 10.29 -28.45 31.72
N ALA A 62 9.38 -28.50 30.75
CA ALA A 62 8.00 -28.88 31.02
C ALA A 62 7.69 -30.32 30.63
N ILE A 63 8.47 -30.92 29.73
CA ILE A 63 8.24 -32.32 29.37
C ILE A 63 8.41 -33.20 30.60
N LYS A 64 9.43 -32.92 31.41
CA LYS A 64 9.60 -33.67 32.66
C LYS A 64 8.56 -33.28 33.70
N ASP A 65 8.11 -32.02 33.69
CA ASP A 65 7.10 -31.59 34.67
C ASP A 65 5.78 -32.30 34.47
N GLY A 66 5.36 -32.48 33.22
CA GLY A 66 4.11 -33.16 32.92
C GLY A 66 2.96 -32.24 32.57
N THR A 67 3.19 -30.94 32.41
CA THR A 67 2.13 -30.01 32.03
C THR A 67 1.70 -30.16 30.58
N ILE A 68 2.57 -30.67 29.70
CA ILE A 68 2.26 -30.86 28.30
C ILE A 68 2.28 -32.35 27.98
N LYS A 69 1.51 -32.74 26.98
CA LYS A 69 1.40 -34.13 26.56
C LYS A 69 2.04 -34.27 25.18
N ILE A 70 2.98 -35.21 25.06
CA ILE A 70 3.70 -35.43 23.82
C ILE A 70 3.31 -36.76 23.16
N LYS A 71 2.36 -37.49 23.75
CA LYS A 71 1.94 -38.78 23.21
C LYS A 71 0.56 -39.10 23.73
N ASP A 72 -0.07 -40.08 23.08
CA ASP A 72 -1.41 -40.55 23.46
C ASP A 72 -2.38 -39.38 23.57
N LEU A 73 -2.50 -38.65 22.47
CA LEU A 73 -3.21 -37.38 22.44
C LEU A 73 -4.61 -37.55 21.86
N THR A 74 -5.58 -36.92 22.51
CA THR A 74 -6.96 -37.01 22.07
C THR A 74 -7.18 -36.19 20.80
N LEU A 75 -8.20 -36.58 20.03
CA LEU A 75 -8.54 -35.83 18.82
C LEU A 75 -8.96 -34.39 19.10
N PRO A 76 -9.80 -34.08 20.09
CA PRO A 76 -10.10 -32.66 20.35
C PRO A 76 -8.87 -31.84 20.70
N GLU A 77 -7.92 -32.42 21.42
CA GLU A 77 -6.68 -31.71 21.72
C GLU A 77 -5.95 -31.34 20.44
N LEU A 78 -5.84 -32.27 19.49
CA LEU A 78 -5.21 -31.97 18.22
C LEU A 78 -5.98 -30.93 17.43
N ILE A 79 -7.31 -31.02 17.43
CA ILE A 79 -8.10 -30.03 16.69
C ILE A 79 -7.82 -28.63 17.23
N GLY A 80 -7.89 -28.47 18.55
CA GLY A 80 -7.62 -27.17 19.15
C GLY A 80 -6.21 -26.70 18.92
N ILE A 81 -5.23 -27.60 19.05
CA ILE A 81 -3.83 -27.22 18.90
C ILE A 81 -3.57 -26.76 17.47
N MET A 82 -4.07 -27.52 16.48
CA MET A 82 -3.86 -27.13 15.09
C MET A 82 -4.56 -25.82 14.77
N ASP A 83 -5.77 -25.61 15.30
CA ASP A 83 -6.45 -24.35 15.06
C ASP A 83 -5.66 -23.18 15.65
N THR A 84 -5.16 -23.34 16.88
CA THR A 84 -4.40 -22.26 17.49
C THR A 84 -3.09 -21.99 16.76
N CYS A 85 -2.41 -23.05 16.31
CA CYS A 85 -1.18 -22.86 15.55
C CYS A 85 -1.46 -22.19 14.21
N PHE A 86 -2.56 -22.55 13.57
CA PHE A 86 -2.94 -21.87 12.33
C PHE A 86 -3.20 -20.39 12.57
N CYS A 87 -3.90 -20.07 13.65
CA CYS A 87 -4.13 -18.67 13.98
C CYS A 87 -2.84 -17.94 14.25
N CYS A 88 -1.91 -18.58 14.95
CA CYS A 88 -0.60 -17.96 15.21
C CYS A 88 0.17 -17.73 13.92
N LEU A 89 0.12 -18.69 13.01
CA LEU A 89 0.79 -18.54 11.72
C LEU A 89 0.19 -17.38 10.93
N ILE A 90 -1.14 -17.28 10.90
CA ILE A 90 -1.79 -16.20 10.17
C ILE A 90 -1.45 -14.86 10.79
N THR A 91 -1.40 -14.80 12.13
CA THR A 91 -1.03 -13.56 12.80
C THR A 91 0.39 -13.16 12.47
N TRP A 92 1.31 -14.12 12.42
CA TRP A 92 2.67 -13.80 12.01
C TRP A 92 2.71 -13.31 10.57
N LEU A 93 1.94 -13.93 9.68
CA LEU A 93 1.90 -13.52 8.29
C LEU A 93 1.29 -12.14 8.10
N GLU A 94 0.61 -11.61 9.11
CA GLU A 94 0.01 -10.28 9.03
C GLU A 94 1.00 -9.18 9.39
N GLY A 95 2.23 -9.52 9.76
CA GLY A 95 3.25 -8.51 9.99
C GLY A 95 3.82 -8.48 11.40
N HIS A 96 3.62 -9.50 12.23
CA HIS A 96 4.14 -9.49 13.59
C HIS A 96 5.38 -10.38 13.70
N SER A 97 5.89 -10.50 14.91
CA SER A 97 7.14 -11.23 15.14
C SER A 97 6.86 -12.72 15.28
N LEU A 98 7.94 -13.50 15.39
CA LEU A 98 7.87 -14.94 15.57
C LEU A 98 7.91 -15.37 17.02
N ALA A 99 8.74 -14.73 17.84
CA ALA A 99 8.82 -15.09 19.25
C ALA A 99 7.55 -14.76 20.01
N GLN A 100 6.65 -13.98 19.40
CA GLN A 100 5.41 -13.59 20.06
C GLN A 100 4.20 -14.35 19.56
N THR A 101 4.21 -14.86 18.33
CA THR A 101 3.04 -15.52 17.77
C THR A 101 3.27 -16.99 17.48
N VAL A 102 4.24 -17.33 16.63
CA VAL A 102 4.36 -18.70 16.17
C VAL A 102 5.08 -19.57 17.20
N PHE A 103 6.12 -19.04 17.83
CA PHE A 103 6.93 -19.82 18.75
C PHE A 103 6.32 -19.94 20.14
N THR A 104 5.13 -19.36 20.37
CA THR A 104 4.43 -19.64 21.60
C THR A 104 3.98 -21.09 21.68
N CYS A 105 3.94 -21.80 20.55
CA CYS A 105 3.66 -23.23 20.56
C CYS A 105 4.87 -23.95 21.12
N LEU A 106 4.72 -24.53 22.32
CA LEU A 106 5.83 -25.23 22.94
C LEU A 106 6.29 -26.40 22.09
N TYR A 107 5.39 -27.01 21.32
CA TYR A 107 5.74 -28.17 20.52
C TYR A 107 6.74 -27.81 19.43
N ILE A 108 6.58 -26.65 18.80
CA ILE A 108 7.43 -26.26 17.68
C ILE A 108 8.87 -26.00 18.09
N HIS A 109 9.15 -25.83 19.38
CA HIS A 109 10.52 -25.54 19.81
C HIS A 109 11.45 -26.71 19.53
N ASN A 110 10.99 -27.93 19.78
CA ASN A 110 11.79 -29.13 19.54
C ASN A 110 10.84 -30.26 19.19
N PRO A 111 10.47 -30.39 17.92
CA PRO A 111 9.47 -31.40 17.54
C PRO A 111 9.99 -32.83 17.62
N ASP A 112 11.29 -33.03 17.82
CA ASP A 112 11.81 -34.38 18.01
C ASP A 112 11.32 -35.01 19.30
N PHE A 113 10.82 -34.21 20.26
CA PHE A 113 10.33 -34.74 21.52
C PHE A 113 8.90 -35.25 21.44
N ILE A 114 8.17 -34.93 20.37
CA ILE A 114 6.78 -35.34 20.24
C ILE A 114 6.73 -36.79 19.77
N GLU A 115 6.02 -37.64 20.51
CA GLU A 115 5.89 -39.05 20.17
C GLU A 115 4.68 -39.34 19.31
N ASP A 116 3.64 -38.52 19.40
CA ASP A 116 2.46 -38.71 18.55
C ASP A 116 2.81 -38.34 17.12
N PRO A 117 2.62 -39.23 16.15
CA PRO A 117 2.99 -38.89 14.76
C PRO A 117 2.28 -37.67 14.22
N ALA A 118 1.00 -37.50 14.56
CA ALA A 118 0.22 -36.41 13.99
C ALA A 118 0.73 -35.05 14.43
N MET A 119 0.92 -34.86 15.75
CA MET A 119 1.37 -33.57 16.25
C MET A 119 2.78 -33.24 15.76
N LYS A 120 3.67 -34.24 15.77
CA LYS A 120 5.02 -34.01 15.28
C LYS A 120 5.03 -33.64 13.80
N ALA A 121 4.23 -34.35 12.99
CA ALA A 121 4.15 -34.03 11.58
C ALA A 121 3.59 -32.63 11.36
N PHE A 122 2.58 -32.24 12.14
CA PHE A 122 2.03 -30.91 12.01
C PHE A 122 3.06 -29.84 12.37
N ALA A 123 3.84 -30.09 13.42
CA ALA A 123 4.88 -29.14 13.81
C ALA A 123 5.93 -29.01 12.72
N LEU A 124 6.35 -30.14 12.13
CA LEU A 124 7.30 -30.09 11.03
C LEU A 124 6.74 -29.32 9.85
N GLY A 125 5.47 -29.55 9.52
CA GLY A 125 4.86 -28.83 8.40
C GLY A 125 4.81 -27.34 8.65
N ILE A 126 4.42 -26.93 9.85
CA ILE A 126 4.37 -25.51 10.18
C ILE A 126 5.76 -24.90 10.09
N LEU A 127 6.77 -25.58 10.64
CA LEU A 127 8.12 -25.05 10.59
C LEU A 127 8.64 -24.92 9.16
N LYS A 128 8.37 -25.92 8.32
CA LYS A 128 8.83 -25.86 6.94
C LYS A 128 8.12 -24.76 6.16
N ILE A 129 6.82 -24.58 6.42
CA ILE A 129 6.09 -23.50 5.78
C ILE A 129 6.67 -22.16 6.17
N CYS A 130 7.00 -22.00 7.46
CA CYS A 130 7.64 -20.77 7.91
C CYS A 130 8.98 -20.57 7.24
N ASP A 131 9.77 -21.63 7.09
CA ASP A 131 11.06 -21.53 6.41
C ASP A 131 10.90 -21.03 4.99
N ILE A 132 10.01 -21.66 4.22
CA ILE A 132 9.83 -21.28 2.82
C ILE A 132 9.32 -19.85 2.71
N ALA A 133 8.36 -19.49 3.57
CA ALA A 133 7.80 -18.14 3.52
C ALA A 133 8.87 -17.09 3.84
N ARG A 134 9.67 -17.33 4.88
CA ARG A 134 10.72 -16.39 5.24
C ARG A 134 11.74 -16.26 4.12
N GLU A 135 12.15 -17.38 3.53
CA GLU A 135 13.14 -17.32 2.45
C GLU A 135 12.60 -16.52 1.27
N LYS A 136 11.35 -16.78 0.87
CA LYS A 136 10.78 -16.06 -0.26
C LYS A 136 10.64 -14.58 0.03
N VAL A 137 10.17 -14.23 1.23
CA VAL A 137 9.98 -12.83 1.57
C VAL A 137 11.31 -12.10 1.61
N ASN A 138 12.33 -12.73 2.18
CA ASN A 138 13.66 -12.13 2.20
C ASN A 138 14.21 -11.95 0.78
N LYS A 139 14.01 -12.94 -0.08
CA LYS A 139 14.49 -12.81 -1.45
C LYS A 139 13.81 -11.66 -2.18
N ALA A 140 12.50 -11.53 -2.01
CA ALA A 140 11.76 -10.52 -2.77
C ALA A 140 12.09 -9.11 -2.28
N ALA A 141 12.17 -8.91 -0.97
CA ALA A 141 12.51 -7.63 -0.37
C ALA A 141 11.55 -6.52 -0.82
N VAL A 142 10.26 -6.76 -0.65
CA VAL A 142 9.24 -5.77 -0.95
C VAL A 142 8.39 -5.51 0.29
N PHE A 143 9.00 -5.64 1.46
CA PHE A 143 8.32 -5.40 2.73
C PHE A 143 9.01 -4.26 3.47
N GLU A 144 8.21 -3.38 4.06
CA GLU A 144 8.73 -2.21 4.75
C GLU A 144 9.37 -2.62 6.07
N GLU A 145 9.87 -1.62 6.79
CA GLU A 145 10.48 -1.87 8.09
C GLU A 145 9.47 -2.48 9.06
N GLU A 146 8.26 -1.94 9.09
CA GLU A 146 7.18 -2.53 9.89
C GLU A 146 6.06 -2.93 8.94
N ASP A 147 6.25 -4.06 8.28
CA ASP A 147 5.18 -4.82 7.64
C ASP A 147 5.41 -6.31 7.76
N PHE A 148 6.55 -6.72 8.32
CA PHE A 148 6.97 -8.10 8.46
C PHE A 148 8.22 -8.13 9.31
N GLN A 149 8.34 -9.14 10.17
CA GLN A 149 9.49 -9.31 11.05
C GLN A 149 10.10 -10.68 10.75
N SER A 150 11.20 -10.69 10.01
CA SER A 150 11.80 -11.93 9.52
C SER A 150 12.90 -12.46 10.42
N MET A 151 13.18 -11.83 11.56
CA MET A 151 14.19 -12.34 12.47
C MET A 151 13.70 -13.60 13.15
N THR A 152 14.52 -14.64 13.14
CA THR A 152 14.14 -15.92 13.72
C THR A 152 14.49 -16.06 15.19
N TYR A 153 15.25 -15.11 15.74
CA TYR A 153 15.65 -15.12 17.16
C TYR A 153 16.40 -16.40 17.53
N GLY A 154 17.23 -16.89 16.62
CA GLY A 154 18.06 -18.05 16.92
C GLY A 154 17.30 -19.33 17.17
N PHE A 155 16.35 -19.68 16.30
CA PHE A 155 15.59 -20.90 16.45
C PHE A 155 15.94 -21.91 15.36
N LYS A 156 16.16 -23.16 15.77
CA LYS A 156 16.41 -24.25 14.83
C LYS A 156 15.10 -24.59 14.14
N MET A 157 14.87 -24.01 12.98
CA MET A 157 13.57 -24.07 12.32
C MET A 157 13.53 -25.22 11.30
N ALA A 158 13.68 -26.43 11.83
CA ALA A 158 13.47 -27.67 11.08
C ALA A 158 14.31 -27.73 9.81
N ASN A 159 15.58 -27.38 9.94
CA ASN A 159 16.51 -27.51 8.83
C ASN A 159 17.12 -28.89 8.72
N SER A 160 16.96 -29.74 9.74
CA SER A 160 17.58 -31.06 9.73
C SER A 160 16.85 -32.01 8.79
N VAL A 161 15.52 -31.95 8.75
CA VAL A 161 14.72 -32.85 7.94
C VAL A 161 14.42 -32.19 6.60
N THR A 162 14.39 -32.99 5.54
CA THR A 162 14.10 -32.48 4.22
C THR A 162 12.61 -32.14 4.09
N ASP A 163 12.30 -31.32 3.09
CA ASP A 163 10.91 -30.92 2.87
C ASP A 163 10.08 -32.05 2.29
N LEU A 164 10.66 -32.84 1.38
CA LEU A 164 9.94 -33.98 0.83
C LEU A 164 9.64 -35.01 1.92
N ARG A 165 10.55 -35.16 2.88
CA ARG A 165 10.28 -36.05 4.01
C ARG A 165 9.09 -35.55 4.83
N VAL A 166 9.01 -34.23 5.04
CA VAL A 166 7.87 -33.68 5.77
C VAL A 166 6.58 -33.92 5.00
N THR A 167 6.61 -33.73 3.68
CA THR A 167 5.41 -33.99 2.88
C THR A 167 5.01 -35.46 2.95
N GLY A 168 5.99 -36.36 2.91
CA GLY A 168 5.68 -37.78 3.03
C GLY A 168 5.09 -38.13 4.38
N MET A 169 5.62 -37.54 5.45
CA MET A 169 5.07 -37.78 6.78
C MET A 169 3.64 -37.28 6.87
N LEU A 170 3.38 -36.10 6.29
CA LEU A 170 2.02 -35.58 6.28
C LEU A 170 1.08 -36.50 5.51
N LYS A 171 1.53 -37.01 4.36
CA LYS A 171 0.70 -37.91 3.58
C LYS A 171 0.43 -39.22 4.33
N ASP A 172 1.43 -39.73 5.04
CA ASP A 172 1.23 -40.94 5.83
C ASP A 172 0.22 -40.70 6.94
N VAL A 173 0.32 -39.56 7.62
CA VAL A 173 -0.63 -39.25 8.70
C VAL A 173 -2.03 -39.07 8.12
N GLU A 174 -2.13 -38.52 6.91
CA GLU A 174 -3.44 -38.35 6.28
C GLU A 174 -4.04 -39.69 5.88
N ASP A 175 -3.23 -40.59 5.35
CA ASP A 175 -3.73 -41.91 4.95
C ASP A 175 -4.15 -42.74 6.16
N ASP A 176 -3.34 -42.73 7.22
CA ASP A 176 -3.64 -43.46 8.44
C ASP A 176 -4.74 -42.80 9.26
N MET A 177 -5.43 -41.83 8.67
CA MET A 177 -6.55 -41.17 9.34
C MET A 177 -7.77 -41.29 8.45
N GLN A 178 -7.56 -41.25 7.13
CA GLN A 178 -8.63 -41.63 6.21
C GLN A 178 -9.03 -43.09 6.39
N ARG A 179 -8.07 -43.96 6.71
CA ARG A 179 -8.43 -45.34 7.06
C ARG A 179 -9.35 -45.38 8.27
N ARG A 180 -9.03 -44.59 9.31
CA ARG A 180 -9.88 -44.53 10.49
C ARG A 180 -11.26 -43.97 10.16
N VAL A 181 -11.31 -42.97 9.29
CA VAL A 181 -12.58 -42.38 8.89
C VAL A 181 -13.45 -43.41 8.18
N LYS A 182 -12.85 -44.17 7.26
CA LYS A 182 -13.57 -45.23 6.58
C LYS A 182 -13.97 -46.36 7.53
N SER A 183 -13.20 -46.59 8.59
CA SER A 183 -13.54 -47.65 9.52
C SER A 183 -14.84 -47.37 10.27
N THR A 184 -15.25 -46.10 10.33
CA THR A 184 -16.49 -45.71 10.98
C THR A 184 -17.44 -44.96 10.04
N ARG A 185 -17.25 -45.11 8.73
CA ARG A 185 -18.05 -44.38 7.75
C ARG A 185 -19.45 -44.96 7.63
N SER A 186 -20.40 -44.39 8.36
CA SER A 186 -21.78 -44.85 8.33
C SER A 186 -22.75 -43.76 8.80
N PRO A 194 -23.94 -42.06 19.04
CA PRO A 194 -23.48 -40.69 19.26
C PRO A 194 -21.97 -40.58 19.46
N GLU A 195 -21.39 -41.45 20.28
CA GLU A 195 -19.95 -41.44 20.49
C GLU A 195 -19.22 -41.77 19.19
N VAL A 196 -19.73 -42.72 18.43
CA VAL A 196 -19.13 -43.05 17.13
C VAL A 196 -19.22 -41.86 16.20
N GLU A 197 -20.36 -41.16 16.19
CA GLU A 197 -20.50 -39.98 15.35
C GLU A 197 -19.52 -38.89 15.75
N LEU A 198 -19.33 -38.68 17.06
CA LEU A 198 -18.38 -37.68 17.51
C LEU A 198 -16.95 -38.05 17.13
N GLU A 199 -16.59 -39.34 17.26
CA GLU A 199 -15.28 -39.78 16.84
C GLU A 199 -15.08 -39.59 15.34
N HIS A 200 -16.11 -39.89 14.55
CA HIS A 200 -16.02 -39.70 13.11
C HIS A 200 -15.85 -38.23 12.74
N GLN A 201 -16.59 -37.35 13.41
CA GLN A 201 -16.46 -35.92 13.14
C GLN A 201 -15.08 -35.40 13.53
N GLN A 202 -14.56 -35.85 14.68
CA GLN A 202 -13.22 -35.44 15.08
C GLN A 202 -12.17 -35.95 14.10
N CYS A 203 -12.34 -37.18 13.61
CA CYS A 203 -11.42 -37.72 12.62
C CYS A 203 -11.48 -36.91 11.33
N LEU A 204 -12.68 -36.52 10.90
CA LEU A 204 -12.81 -35.67 9.72
C LEU A 204 -12.10 -34.34 9.91
N ALA A 205 -12.26 -33.73 11.08
CA ALA A 205 -11.60 -32.46 11.36
C ALA A 205 -10.08 -32.60 11.30
N VAL A 206 -9.56 -33.63 11.95
CA VAL A 206 -8.11 -33.84 11.97
C VAL A 206 -7.58 -34.09 10.57
N PHE A 207 -8.28 -34.94 9.80
CA PHE A 207 -7.83 -35.22 8.44
C PHE A 207 -7.86 -33.98 7.57
N SER A 208 -8.90 -33.17 7.70
CA SER A 208 -8.99 -31.95 6.90
C SER A 208 -7.85 -30.99 7.24
N ARG A 209 -7.57 -30.81 8.52
CA ARG A 209 -6.47 -29.91 8.90
C ARG A 209 -5.14 -30.44 8.38
N VAL A 210 -4.91 -31.74 8.51
CA VAL A 210 -3.64 -32.33 8.04
C VAL A 210 -3.51 -32.16 6.53
N LYS A 211 -4.58 -32.43 5.79
CA LYS A 211 -4.52 -32.31 4.33
C LYS A 211 -4.31 -30.87 3.90
N PHE A 212 -4.96 -29.92 4.56
CA PHE A 212 -4.73 -28.52 4.23
C PHE A 212 -3.29 -28.12 4.49
N THR A 213 -2.73 -28.55 5.63
CA THR A 213 -1.32 -28.26 5.89
C THR A 213 -0.44 -28.83 4.79
N ARG A 214 -0.72 -30.08 4.39
CA ARG A 214 0.10 -30.72 3.36
C ARG A 214 0.02 -29.97 2.04
N VAL A 215 -1.19 -29.58 1.63
CA VAL A 215 -1.33 -28.94 0.32
C VAL A 215 -0.73 -27.54 0.33
N LEU A 216 -0.89 -26.80 1.44
CA LEU A 216 -0.28 -25.47 1.53
C LEU A 216 1.23 -25.58 1.46
N LEU A 217 1.81 -26.54 2.20
CA LEU A 217 3.26 -26.72 2.15
C LEU A 217 3.70 -27.17 0.76
N THR A 218 2.89 -27.98 0.09
CA THR A 218 3.22 -28.43 -1.26
C THR A 218 3.26 -27.25 -2.24
N VAL A 219 2.29 -26.35 -2.13
CA VAL A 219 2.29 -25.17 -3.00
C VAL A 219 3.49 -24.29 -2.69
N LEU A 220 3.80 -24.09 -1.42
CA LEU A 220 4.96 -23.29 -1.05
C LEU A 220 6.24 -23.92 -1.56
N ILE A 221 6.32 -25.27 -1.56
CA ILE A 221 7.48 -25.96 -2.11
C ILE A 221 7.56 -25.75 -3.62
N ALA A 222 6.45 -25.98 -4.31
CA ALA A 222 6.43 -25.86 -5.76
C ALA A 222 6.74 -24.45 -6.22
N PHE A 223 6.51 -23.46 -5.36
CA PHE A 223 6.86 -22.09 -5.73
C PHE A 223 8.35 -21.83 -5.62
N THR A 224 9.12 -22.76 -5.04
CA THR A 224 10.56 -22.61 -4.89
C THR A 224 11.36 -23.35 -5.95
N LYS A 225 10.70 -23.99 -6.91
CA LYS A 225 11.43 -24.67 -7.98
C LYS A 225 12.06 -23.66 -8.92
N LYS A 226 13.19 -24.03 -9.52
CA LYS A 226 13.88 -23.13 -10.42
C LYS A 226 13.02 -22.78 -11.63
N GLU A 227 12.32 -23.77 -12.20
CA GLU A 227 11.44 -23.52 -13.33
C GLU A 227 10.08 -23.07 -12.84
N THR A 228 9.50 -22.08 -13.52
CA THR A 228 8.18 -21.59 -13.16
C THR A 228 7.08 -22.57 -13.56
N SER A 229 7.39 -23.50 -14.48
CA SER A 229 6.39 -24.48 -14.92
C SER A 229 5.86 -25.31 -13.77
N ALA A 230 6.66 -25.50 -12.71
CA ALA A 230 6.20 -26.25 -11.56
C ALA A 230 4.99 -25.60 -10.91
N VAL A 231 4.87 -24.27 -11.04
CA VAL A 231 3.69 -23.59 -10.51
C VAL A 231 2.43 -24.09 -11.20
N ALA A 232 2.53 -24.37 -12.50
CA ALA A 232 1.39 -24.92 -13.22
C ALA A 232 1.00 -26.31 -12.73
N GLU A 233 1.89 -26.99 -12.01
CA GLU A 233 1.58 -28.26 -11.39
C GLU A 233 0.95 -28.11 -10.01
N ALA A 234 0.81 -26.89 -9.50
CA ALA A 234 0.26 -26.65 -8.19
C ALA A 234 -1.11 -26.01 -8.20
N GLN A 235 -1.46 -25.33 -9.30
CA GLN A 235 -2.74 -24.61 -9.36
C GLN A 235 -3.91 -25.55 -9.12
N LYS A 236 -3.87 -26.74 -9.74
CA LYS A 236 -4.94 -27.71 -9.52
C LYS A 236 -5.12 -28.02 -8.04
N LEU A 237 -4.01 -28.12 -7.31
CA LEU A 237 -4.10 -28.41 -5.88
C LEU A 237 -4.93 -27.36 -5.16
N MET A 238 -4.82 -26.09 -5.57
CA MET A 238 -5.59 -25.04 -4.94
C MET A 238 -7.09 -25.33 -5.01
N VAL A 239 -7.54 -25.89 -6.14
CA VAL A 239 -8.96 -26.24 -6.27
C VAL A 239 -9.38 -27.19 -5.17
N GLN A 240 -8.52 -28.17 -4.86
CA GLN A 240 -8.81 -29.09 -3.76
C GLN A 240 -9.06 -28.34 -2.46
N ALA A 241 -8.26 -27.31 -2.20
CA ALA A 241 -8.44 -26.53 -0.97
C ALA A 241 -9.83 -25.92 -0.89
N ALA A 242 -10.41 -25.56 -2.04
CA ALA A 242 -11.75 -24.98 -2.03
C ALA A 242 -12.76 -25.96 -1.43
N ASP A 243 -12.59 -27.25 -1.70
CA ASP A 243 -13.48 -28.26 -1.15
C ASP A 243 -13.06 -28.72 0.23
N LEU A 244 -12.01 -28.14 0.80
CA LEU A 244 -11.45 -28.60 2.07
C LEU A 244 -11.56 -27.57 3.19
N LEU A 245 -11.31 -26.30 2.88
CA LEU A 245 -11.30 -25.28 3.92
C LEU A 245 -12.63 -25.19 4.64
N SER A 246 -13.73 -25.24 3.89
CA SER A 246 -15.05 -25.23 4.52
C SER A 246 -15.17 -26.35 5.54
N ALA A 247 -14.61 -27.51 5.24
CA ALA A 247 -14.61 -28.61 6.21
C ALA A 247 -13.90 -28.20 7.49
N ILE A 248 -12.71 -27.60 7.36
CA ILE A 248 -11.99 -27.12 8.52
C ILE A 248 -12.79 -26.04 9.22
N HIS A 249 -13.64 -25.33 8.48
CA HIS A 249 -14.54 -24.36 9.09
C HIS A 249 -15.71 -25.04 9.78
N ASN A 250 -16.22 -26.14 9.22
CA ASN A 250 -17.42 -26.77 9.76
C ASN A 250 -17.15 -27.41 11.11
N SER A 251 -16.06 -28.15 11.22
CA SER A 251 -15.71 -28.81 12.48
C SER A 251 -14.73 -27.95 13.29
N LEU A 252 -15.16 -26.72 13.57
CA LEU A 252 -14.35 -25.78 14.33
C LEU A 252 -14.70 -25.77 15.80
N HIS A 253 -15.89 -26.24 16.17
CA HIS A 253 -16.33 -26.26 17.55
C HIS A 253 -15.86 -27.50 18.30
N HIS A 254 -15.11 -28.39 17.65
CA HIS A 254 -14.63 -29.60 18.28
C HIS A 254 -13.34 -29.39 19.07
N GLY A 255 -12.53 -28.40 18.70
CA GLY A 255 -11.26 -28.21 19.36
C GLY A 255 -11.40 -27.68 20.77
N ILE A 256 -10.32 -27.81 21.54
CA ILE A 256 -10.31 -27.36 22.92
C ILE A 256 -10.23 -25.84 22.94
N GLN A 257 -11.26 -25.20 23.48
CA GLN A 257 -11.30 -23.74 23.53
C GLN A 257 -10.27 -23.21 24.51
N ALA A 258 -9.79 -22.00 24.25
CA ALA A 258 -8.82 -21.36 25.12
C ALA A 258 -9.48 -20.94 26.44
N GLN A 259 -8.66 -20.86 27.48
CA GLN A 259 -9.13 -20.47 28.80
C GLN A 259 -8.04 -19.77 29.59
N ILE A 269 -4.33 -18.94 27.20
CA ILE A 269 -3.58 -19.80 28.11
C ILE A 269 -4.02 -21.24 27.97
N MET A 270 -4.20 -21.68 26.72
CA MET A 270 -4.63 -23.04 26.45
C MET A 270 -3.50 -24.02 26.75
N MET A 271 -3.84 -25.31 26.76
CA MET A 271 -2.87 -26.36 27.00
C MET A 271 -1.91 -26.45 25.81
N GLY A 272 -0.62 -26.57 26.10
CA GLY A 272 0.40 -26.66 25.07
C GLY A 272 0.92 -25.34 24.58
N PHE A 273 0.45 -24.22 25.15
CA PHE A 273 0.86 -22.89 24.72
C PHE A 273 1.28 -22.08 25.92
N GLU A 274 2.41 -21.40 25.81
CA GLU A 274 2.90 -20.48 26.84
C GLU A 274 3.28 -19.17 26.16
N PRO A 275 2.37 -18.19 26.12
CA PRO A 275 2.67 -16.94 25.40
C PRO A 275 3.85 -16.18 25.97
N LEU A 276 4.22 -16.41 27.22
CA LEU A 276 5.34 -15.72 27.86
C LEU A 276 6.61 -16.56 27.82
N VAL A 277 6.75 -17.40 26.78
CA VAL A 277 7.97 -18.18 26.62
C VAL A 277 9.17 -17.25 26.42
N ASN A 278 9.00 -16.24 25.57
CA ASN A 278 10.08 -15.35 25.17
C ASN A 278 9.90 -14.01 25.89
N GLN A 279 10.67 -13.81 26.95
CA GLN A 279 10.71 -12.54 27.66
C GLN A 279 12.12 -12.02 27.88
N ARG A 280 13.12 -12.89 27.97
CA ARG A 280 14.51 -12.48 28.05
C ARG A 280 15.22 -12.48 26.71
N LEU A 281 14.59 -13.01 25.66
CA LEU A 281 15.17 -13.07 24.33
C LEU A 281 14.75 -11.91 23.45
N LEU A 282 13.98 -10.97 23.98
CA LEU A 282 13.50 -9.81 23.25
C LEU A 282 13.70 -8.55 24.08
N ILE A 292 -3.50 -12.17 18.74
CA ILE A 292 -3.80 -13.14 17.65
C ILE A 292 -5.20 -12.95 17.10
N ILE A 293 -5.54 -13.67 16.04
CA ILE A 293 -6.88 -13.53 15.49
C ILE A 293 -7.80 -14.62 16.05
N LYS A 294 -9.10 -14.31 16.06
CA LYS A 294 -10.08 -15.30 16.48
C LYS A 294 -10.16 -16.43 15.46
N ARG A 295 -10.56 -17.61 15.93
CA ARG A 295 -10.64 -18.78 15.06
C ARG A 295 -11.66 -18.60 13.95
N GLU A 296 -12.71 -17.82 14.17
CA GLU A 296 -13.76 -17.66 13.16
C GLU A 296 -13.23 -17.00 11.90
N GLU A 297 -12.25 -16.12 12.04
CA GLU A 297 -11.69 -15.40 10.90
C GLU A 297 -10.58 -16.17 10.19
N MET A 298 -10.20 -17.34 10.69
CA MET A 298 -9.09 -18.08 10.11
C MET A 298 -9.46 -18.66 8.75
N VAL A 299 -10.62 -19.29 8.65
CA VAL A 299 -10.99 -19.99 7.42
C VAL A 299 -11.15 -19.01 6.27
N ASN A 300 -11.82 -17.88 6.51
CA ASN A 300 -12.01 -16.89 5.45
C ASN A 300 -10.67 -16.31 5.01
N TYR A 301 -9.77 -16.03 5.96
CA TYR A 301 -8.46 -15.50 5.59
C TYR A 301 -7.68 -16.50 4.75
N PHE A 302 -7.70 -17.78 5.13
CA PHE A 302 -6.97 -18.78 4.35
C PHE A 302 -7.57 -18.95 2.97
N ALA A 303 -8.90 -18.87 2.87
CA ALA A 303 -9.54 -18.95 1.56
C ALA A 303 -9.13 -17.78 0.67
N ARG A 304 -9.10 -16.57 1.25
CA ARG A 304 -8.64 -15.40 0.48
C ARG A 304 -7.18 -15.55 0.07
N LEU A 305 -6.35 -16.10 0.95
CA LEU A 305 -4.94 -16.29 0.62
C LEU A 305 -4.76 -17.32 -0.49
N ILE A 306 -5.55 -18.40 -0.46
CA ILE A 306 -5.49 -19.38 -1.53
C ILE A 306 -5.95 -18.77 -2.84
N ASP A 307 -6.98 -17.93 -2.80
CA ASP A 307 -7.40 -17.21 -4.00
C ASP A 307 -6.29 -16.30 -4.52
N ARG A 308 -5.59 -15.62 -3.61
CA ARG A 308 -4.48 -14.75 -4.01
C ARG A 308 -3.37 -15.56 -4.67
N ILE A 309 -3.05 -16.74 -4.11
CA ILE A 309 -2.00 -17.57 -4.69
C ILE A 309 -2.43 -18.09 -6.05
N LYS A 310 -3.70 -18.47 -6.20
CA LYS A 310 -4.19 -18.91 -7.50
C LYS A 310 -4.14 -17.78 -8.51
N THR A 311 -4.43 -16.54 -8.10
CA THR A 311 -4.28 -15.40 -8.98
C THR A 311 -2.83 -15.20 -9.38
N VAL A 312 -1.92 -15.34 -8.42
CA VAL A 312 -0.49 -15.18 -8.70
C VAL A 312 -0.03 -16.21 -9.73
N CYS A 313 -0.53 -17.45 -9.60
CA CYS A 313 -0.03 -18.53 -10.44
C CYS A 313 -0.24 -18.26 -11.94
N GLU A 314 -1.25 -17.47 -12.29
CA GLU A 314 -1.56 -17.24 -13.69
C GLU A 314 -0.65 -16.20 -14.35
N VAL A 315 0.28 -15.61 -13.60
CA VAL A 315 1.16 -14.60 -14.17
C VAL A 315 2.19 -15.20 -15.12
N VAL A 316 2.34 -16.53 -15.12
CA VAL A 316 3.35 -17.17 -15.96
C VAL A 316 2.92 -17.27 -17.41
N ASN A 317 1.66 -16.91 -17.72
CA ASN A 317 1.15 -17.01 -19.08
C ASN A 317 1.36 -15.74 -19.89
N LEU A 318 1.95 -14.71 -19.30
CA LEU A 318 2.16 -13.45 -20.00
C LEU A 318 3.49 -13.46 -20.75
N THR A 319 3.56 -12.64 -21.80
CA THR A 319 4.73 -12.59 -22.66
C THR A 319 5.22 -11.19 -23.01
N ASN A 320 4.54 -10.13 -22.57
CA ASN A 320 4.96 -8.76 -22.86
C ASN A 320 5.02 -7.96 -21.56
N LEU A 321 6.04 -7.10 -21.46
CA LEU A 321 6.27 -6.35 -20.24
C LEU A 321 5.10 -5.45 -19.88
N HIS A 322 4.41 -4.90 -20.87
CA HIS A 322 3.26 -4.05 -20.56
C HIS A 322 2.17 -4.83 -19.86
N CYS A 323 1.91 -6.06 -20.33
CA CYS A 323 0.91 -6.90 -19.69
C CYS A 323 1.33 -7.27 -18.27
N ILE A 324 2.61 -7.55 -18.06
CA ILE A 324 3.08 -7.88 -16.71
C ILE A 324 2.97 -6.66 -15.80
N LEU A 325 3.27 -5.48 -16.31
CA LEU A 325 3.11 -4.26 -15.52
C LEU A 325 1.65 -4.06 -15.12
N ASP A 326 0.74 -4.25 -16.08
CA ASP A 326 -0.68 -4.12 -15.77
C ASP A 326 -1.12 -5.17 -14.75
N PHE A 327 -0.59 -6.38 -14.87
CA PHE A 327 -0.91 -7.44 -13.90
C PHE A 327 -0.42 -7.07 -12.52
N PHE A 328 0.80 -6.54 -12.41
CA PHE A 328 1.33 -6.14 -11.11
C PHE A 328 0.50 -5.02 -10.50
N CYS A 329 0.12 -4.04 -11.30
CA CYS A 329 -0.71 -2.95 -10.80
C CYS A 329 -2.06 -3.45 -10.34
N GLU A 330 -2.70 -4.34 -11.12
CA GLU A 330 -3.99 -4.88 -10.73
C GLU A 330 -3.88 -5.68 -9.44
N PHE A 331 -2.81 -6.47 -9.30
CA PHE A 331 -2.62 -7.25 -8.08
C PHE A 331 -2.41 -6.34 -6.88
N SER A 332 -1.60 -5.30 -7.03
CA SER A 332 -1.38 -4.40 -5.92
C SER A 332 -2.61 -3.57 -5.57
N GLU A 333 -3.53 -3.38 -6.53
CA GLU A 333 -4.72 -2.59 -6.26
C GLU A 333 -5.58 -3.22 -5.17
N GLN A 334 -5.50 -4.54 -5.01
CA GLN A 334 -6.29 -5.24 -4.01
C GLN A 334 -5.68 -5.17 -2.61
N SER A 335 -4.47 -4.62 -2.47
CA SER A 335 -3.71 -4.61 -1.23
C SER A 335 -3.47 -6.03 -0.74
N PRO A 336 -2.65 -6.81 -1.44
CA PRO A 336 -2.40 -8.20 -1.05
C PRO A 336 -1.44 -8.28 0.13
N CYS A 337 -1.40 -9.47 0.73
CA CYS A 337 -0.50 -9.73 1.85
C CYS A 337 0.95 -9.78 1.37
N VAL A 338 1.87 -9.66 2.32
CA VAL A 338 3.29 -9.60 1.98
C VAL A 338 3.74 -10.90 1.35
N LEU A 339 3.19 -12.03 1.79
CA LEU A 339 3.55 -13.31 1.20
C LEU A 339 3.17 -13.37 -0.28
N SER A 340 1.97 -12.88 -0.61
CA SER A 340 1.54 -12.91 -2.00
C SER A 340 2.39 -12.00 -2.88
N ARG A 341 2.67 -10.78 -2.42
CA ARG A 341 3.50 -9.86 -3.19
C ARG A 341 4.89 -10.44 -3.39
N SER A 342 5.47 -11.01 -2.33
CA SER A 342 6.81 -11.57 -2.44
C SER A 342 6.83 -12.78 -3.39
N LEU A 343 5.78 -13.60 -3.34
CA LEU A 343 5.71 -14.75 -4.23
C LEU A 343 5.63 -14.30 -5.68
N LEU A 344 4.79 -13.29 -5.96
CA LEU A 344 4.70 -12.76 -7.31
C LEU A 344 6.02 -12.18 -7.77
N GLN A 345 6.69 -11.43 -6.90
CA GLN A 345 7.98 -10.83 -7.26
C GLN A 345 9.02 -11.88 -7.59
N THR A 346 9.11 -12.93 -6.77
CA THR A 346 10.12 -13.96 -7.00
C THR A 346 9.79 -14.80 -8.23
N THR A 347 8.50 -15.01 -8.51
CA THR A 347 8.14 -15.79 -9.68
C THR A 347 8.33 -15.01 -10.97
N PHE A 348 8.20 -13.69 -10.92
CA PHE A 348 8.42 -12.88 -12.12
C PHE A 348 9.88 -12.94 -12.56
N LEU A 349 10.80 -12.64 -11.66
CA LEU A 349 12.22 -12.51 -11.95
C LEU A 349 12.95 -13.48 -11.01
N ASN A 352 18.13 -13.00 -10.27
CA ASN A 352 18.25 -11.55 -10.36
C ASN A 352 18.27 -11.07 -11.81
N LYS A 353 18.18 -12.00 -12.76
CA LYS A 353 18.47 -11.63 -14.14
C LYS A 353 17.57 -12.25 -15.21
N LYS A 354 16.80 -13.29 -14.92
CA LYS A 354 16.04 -13.96 -15.95
C LYS A 354 14.56 -14.03 -15.57
N VAL A 355 13.70 -13.69 -16.52
CA VAL A 355 12.26 -13.69 -16.27
C VAL A 355 11.72 -15.11 -16.41
N PHE A 356 11.02 -15.57 -15.37
CA PHE A 356 10.40 -16.89 -15.33
C PHE A 356 11.43 -18.01 -15.53
N GLY A 357 12.72 -17.67 -15.51
CA GLY A 357 13.75 -18.62 -15.82
C GLY A 357 13.87 -18.98 -17.29
N THR A 358 13.07 -18.37 -18.16
CA THR A 358 13.07 -18.69 -19.58
C THR A 358 13.46 -17.51 -20.46
N HIS A 359 12.81 -16.37 -20.29
CA HIS A 359 13.05 -15.20 -21.10
C HIS A 359 14.10 -14.30 -20.47
N LEU A 360 14.92 -13.67 -21.31
CA LEU A 360 15.88 -12.67 -20.87
C LEU A 360 15.23 -11.30 -20.91
N MET A 361 15.51 -10.49 -19.88
CA MET A 361 14.84 -9.20 -19.75
C MET A 361 15.18 -8.25 -20.89
N GLN A 362 16.38 -8.38 -21.47
CA GLN A 362 16.72 -7.57 -22.63
C GLN A 362 15.79 -7.89 -23.80
N ASP A 363 15.54 -9.17 -24.04
CA ASP A 363 14.65 -9.55 -25.12
C ASP A 363 13.22 -9.13 -24.83
N MET A 364 12.81 -9.18 -23.55
CA MET A 364 11.47 -8.70 -23.20
C MET A 364 11.34 -7.21 -23.46
N VAL A 365 12.37 -6.43 -23.14
CA VAL A 365 12.34 -5.00 -23.41
C VAL A 365 12.27 -4.75 -24.91
N LYS A 366 13.07 -5.48 -25.69
CA LYS A 366 13.03 -5.32 -27.15
C LYS A 366 11.65 -5.67 -27.69
N ASP A 367 11.04 -6.74 -27.18
CA ASP A 367 9.72 -7.13 -27.65
C ASP A 367 8.68 -6.08 -27.30
N ALA A 368 8.77 -5.50 -26.10
CA ALA A 368 7.85 -4.42 -25.74
C ALA A 368 8.03 -3.22 -26.67
N LEU A 369 9.28 -2.89 -27.01
CA LEU A 369 9.54 -1.80 -27.93
C LEU A 369 8.93 -2.09 -29.30
N ARG A 370 9.12 -3.31 -29.79
CA ARG A 370 8.59 -3.67 -31.11
C ARG A 370 7.07 -3.64 -31.13
N SER A 371 6.44 -4.11 -30.05
CA SER A 371 4.99 -4.16 -29.99
C SER A 371 4.37 -2.80 -29.72
N PHE A 372 5.13 -1.85 -29.16
CA PHE A 372 4.56 -0.54 -28.82
C PHE A 372 4.81 0.50 -29.91
N VAL A 373 6.07 0.77 -30.23
CA VAL A 373 6.41 1.84 -31.16
C VAL A 373 6.94 1.33 -32.49
N SER A 374 7.46 0.10 -32.55
CA SER A 374 8.00 -0.50 -33.76
C SER A 374 9.07 0.38 -34.40
N PRO A 375 10.22 0.58 -33.75
CA PRO A 375 11.27 1.40 -34.36
C PRO A 375 11.89 0.68 -35.54
N PRO A 376 12.45 1.42 -36.50
CA PRO A 376 13.05 0.77 -37.67
C PRO A 376 14.19 -0.18 -37.34
N VAL A 377 14.93 0.06 -36.26
CA VAL A 377 16.06 -0.79 -35.92
C VAL A 377 15.60 -2.20 -35.58
N LEU A 378 14.43 -2.32 -34.93
CA LEU A 378 13.93 -3.60 -34.46
C LEU A 378 13.12 -4.35 -35.51
N SER A 379 12.92 -3.76 -36.68
CA SER A 379 12.19 -4.43 -37.76
C SER A 379 13.14 -5.37 -38.48
N PRO A 380 12.75 -6.64 -38.69
CA PRO A 380 13.69 -7.62 -39.25
C PRO A 380 14.23 -7.24 -40.63
N LYS A 381 13.44 -6.54 -41.42
CA LYS A 381 13.80 -6.20 -42.79
C LYS A 381 13.89 -4.70 -43.03
N CYS A 382 14.49 -3.94 -42.12
CA CYS A 382 14.58 -2.48 -42.24
C CYS A 382 16.03 -2.02 -42.29
N TYR A 383 16.94 -2.96 -42.57
CA TYR A 383 18.34 -2.68 -42.90
C TYR A 383 19.12 -2.21 -41.68
N LEU A 384 18.45 -1.93 -40.58
CA LEU A 384 19.15 -1.48 -39.39
C LEU A 384 19.53 -2.67 -38.52
N TYR A 385 18.78 -3.76 -38.65
CA TYR A 385 19.11 -4.98 -37.91
C TYR A 385 20.42 -5.58 -38.42
N ASN A 386 20.67 -5.49 -39.72
CA ASN A 386 21.90 -6.03 -40.29
C ASN A 386 23.13 -5.22 -39.90
N ASN A 387 22.97 -3.94 -39.59
CA ASN A 387 24.09 -3.11 -39.17
C ASN A 387 24.56 -3.57 -37.80
N HIS A 388 25.88 -3.70 -37.62
CA HIS A 388 26.47 -4.17 -36.39
C HIS A 388 26.75 -3.03 -35.40
N GLN A 389 26.58 -1.78 -35.82
CA GLN A 389 26.80 -0.64 -34.94
C GLN A 389 25.51 -0.02 -34.45
N ALA A 390 24.44 -0.09 -35.26
CA ALA A 390 23.13 0.28 -34.75
C ALA A 390 22.62 -0.77 -33.78
N LYS A 391 22.96 -2.04 -34.01
CA LYS A 391 22.65 -3.09 -33.05
C LYS A 391 23.35 -2.83 -31.72
N ASP A 392 24.61 -2.41 -31.77
CA ASP A 392 25.41 -2.18 -30.56
C ASP A 392 25.19 -0.76 -30.04
N CYS A 393 24.07 -0.18 -30.46
CA CYS A 393 23.61 1.10 -29.95
C CYS A 393 22.21 0.92 -29.38
N ILE A 394 21.45 0.01 -29.98
CA ILE A 394 20.14 -0.34 -29.42
C ILE A 394 20.29 -1.27 -28.23
N ASP A 395 21.25 -2.21 -28.29
CA ASP A 395 21.46 -3.12 -27.19
C ASP A 395 21.95 -2.41 -25.94
N SER A 396 22.82 -1.39 -26.10
CA SER A 396 23.25 -0.61 -24.95
C SER A 396 22.09 0.10 -24.29
N PHE A 397 21.20 0.68 -25.10
CA PHE A 397 20.03 1.35 -24.54
C PHE A 397 19.11 0.36 -23.84
N VAL A 398 18.95 -0.84 -24.41
CA VAL A 398 18.11 -1.86 -23.78
C VAL A 398 18.70 -2.27 -22.43
N THR A 399 20.01 -2.50 -22.39
CA THR A 399 20.67 -2.82 -21.13
C THR A 399 20.59 -1.68 -20.13
N HIS A 400 20.55 -0.43 -20.59
CA HIS A 400 20.38 0.69 -19.68
C HIS A 400 18.96 0.79 -19.15
N CYS A 401 17.98 0.38 -19.96
CA CYS A 401 16.58 0.40 -19.54
C CYS A 401 16.18 -0.79 -18.69
N VAL A 402 16.99 -1.86 -18.67
CA VAL A 402 16.59 -3.05 -17.92
C VAL A 402 16.49 -2.82 -16.42
N ARG A 403 17.34 -1.98 -15.83
CA ARG A 403 17.31 -1.82 -14.37
C ARG A 403 16.19 -0.90 -13.91
N PRO A 404 15.90 0.23 -14.58
CA PRO A 404 14.72 1.02 -14.18
C PRO A 404 13.43 0.21 -14.15
N PHE A 405 13.24 -0.71 -15.09
CA PHE A 405 12.02 -1.50 -15.12
C PHE A 405 11.93 -2.50 -13.98
N CYS A 406 13.06 -3.14 -13.65
CA CYS A 406 13.09 -4.03 -12.51
C CYS A 406 12.75 -3.25 -11.26
N SER A 407 13.31 -2.04 -11.15
CA SER A 407 13.02 -1.20 -9.99
C SER A 407 11.56 -0.77 -9.96
N LEU A 408 10.97 -0.52 -11.13
CA LEU A 408 9.56 -0.14 -11.19
C LEU A 408 8.67 -1.29 -10.73
N ILE A 409 8.97 -2.50 -11.20
CA ILE A 409 8.21 -3.67 -10.74
C ILE A 409 8.36 -3.85 -9.24
N GLN A 410 9.57 -3.69 -8.73
CA GLN A 410 9.79 -3.82 -7.29
C GLN A 410 9.00 -2.77 -6.51
N ILE A 411 8.98 -1.53 -7.00
CA ILE A 411 8.20 -0.48 -6.35
C ILE A 411 6.73 -0.84 -6.35
N HIS A 412 6.26 -1.45 -7.44
CA HIS A 412 4.89 -1.95 -7.46
C HIS A 412 4.68 -3.06 -6.45
N GLY A 413 5.74 -3.79 -6.12
CA GLY A 413 5.61 -4.88 -5.15
C GLY A 413 5.42 -4.43 -3.72
N HIS A 414 5.76 -3.18 -3.40
CA HIS A 414 5.65 -2.68 -2.04
C HIS A 414 4.19 -2.41 -1.69
N ASN A 415 3.96 -2.09 -0.42
CA ASN A 415 2.62 -1.73 0.00
C ASN A 415 2.25 -0.34 -0.49
N ARG A 416 0.98 0.02 -0.33
CA ARG A 416 0.44 1.22 -0.94
C ARG A 416 0.85 2.50 -0.23
N ALA A 417 1.68 2.42 0.81
CA ALA A 417 2.14 3.62 1.50
C ALA A 417 3.47 4.12 0.92
N ARG A 418 4.49 3.27 0.92
CA ARG A 418 5.78 3.66 0.36
C ARG A 418 5.79 3.68 -1.16
N GLN A 419 4.72 3.19 -1.79
CA GLN A 419 4.65 3.20 -3.24
C GLN A 419 4.72 4.62 -3.77
N ARG A 420 4.06 5.56 -3.10
CA ARG A 420 4.05 6.93 -3.58
C ARG A 420 5.45 7.53 -3.60
N ASP A 421 6.19 7.38 -2.49
CA ASP A 421 7.54 7.92 -2.42
C ASP A 421 8.46 7.22 -3.43
N LYS A 422 8.33 5.90 -3.59
CA LYS A 422 9.21 5.21 -4.52
C LYS A 422 8.89 5.58 -5.97
N LEU A 423 7.61 5.80 -6.27
CA LEU A 423 7.23 6.34 -7.58
C LEU A 423 7.85 7.71 -7.80
N GLY A 424 7.78 8.57 -6.79
CA GLY A 424 8.37 9.89 -6.91
C GLY A 424 9.87 9.83 -7.14
N HIS A 425 10.53 8.83 -6.55
CA HIS A 425 11.98 8.72 -6.67
C HIS A 425 12.43 8.09 -7.97
N ILE A 426 11.62 7.19 -8.56
CA ILE A 426 11.99 6.58 -9.84
C ILE A 426 12.03 7.58 -10.98
N LEU A 427 11.53 8.79 -10.77
CA LEU A 427 11.46 9.79 -11.83
C LEU A 427 12.85 10.21 -12.30
N GLU A 428 13.82 10.31 -11.39
CA GLU A 428 15.16 10.69 -11.81
C GLU A 428 15.77 9.65 -12.74
N GLU A 429 15.64 8.37 -12.37
CA GLU A 429 16.16 7.30 -13.22
C GLU A 429 15.45 7.29 -14.57
N PHE A 430 14.13 7.50 -14.57
CA PHE A 430 13.42 7.47 -15.85
C PHE A 430 13.72 8.70 -16.69
N ALA A 431 14.05 9.84 -16.06
CA ALA A 431 14.49 11.00 -16.82
C ALA A 431 15.85 10.75 -17.47
N THR A 432 16.75 10.10 -16.74
CA THR A 432 18.02 9.70 -17.34
C THR A 432 17.79 8.77 -18.53
N LEU A 433 16.87 7.82 -18.36
CA LEU A 433 16.54 6.90 -19.45
C LEU A 433 15.95 7.65 -20.63
N GLN A 434 15.11 8.65 -20.37
CA GLN A 434 14.52 9.45 -21.44
C GLN A 434 15.59 10.21 -22.22
N ASP A 435 16.55 10.79 -21.51
CA ASP A 435 17.63 11.49 -22.19
C ASP A 435 18.44 10.54 -23.06
N GLU A 436 18.76 9.36 -22.53
CA GLU A 436 19.50 8.38 -23.31
C GLU A 436 18.69 7.95 -24.54
N ALA A 437 17.38 7.76 -24.38
CA ALA A 437 16.54 7.38 -25.49
C ALA A 437 16.50 8.45 -26.56
N GLU A 438 16.40 9.72 -26.15
CA GLU A 438 16.41 10.82 -27.11
C GLU A 438 17.72 10.85 -27.88
N LYS A 439 18.84 10.70 -27.18
CA LYS A 439 20.14 10.70 -27.86
C LYS A 439 20.25 9.54 -28.84
N VAL A 440 19.80 8.35 -28.43
CA VAL A 440 19.92 7.18 -29.28
C VAL A 440 19.04 7.32 -30.52
N ASP A 441 17.81 7.81 -30.36
CA ASP A 441 16.92 8.00 -31.50
C ASP A 441 17.47 9.04 -32.46
N ALA A 442 18.01 10.14 -31.91
CA ALA A 442 18.60 11.17 -32.77
C ALA A 442 19.78 10.61 -33.56
N ALA A 443 20.65 9.84 -32.89
CA ALA A 443 21.80 9.26 -33.57
C ALA A 443 21.36 8.29 -34.66
N LEU A 444 20.36 7.45 -34.36
CA LEU A 444 19.87 6.49 -35.34
C LEU A 444 19.28 7.19 -36.55
N HIS A 445 18.48 8.24 -36.32
CA HIS A 445 17.93 8.99 -37.45
C HIS A 445 19.03 9.67 -38.26
N THR A 446 20.02 10.26 -37.59
CA THR A 446 21.10 10.92 -38.31
C THR A 446 21.88 9.94 -39.17
N MET A 447 22.08 8.72 -38.66
CA MET A 447 22.77 7.67 -39.41
C MET A 447 21.83 7.00 -40.42
N LEU A 448 20.53 7.30 -40.34
CA LEU A 448 19.49 6.76 -41.21
C LEU A 448 19.64 5.26 -41.47
N LEU A 458 12.27 9.00 -35.71
CA LEU A 458 12.28 10.02 -34.67
C LEU A 458 11.27 9.76 -33.57
N ALA A 459 11.71 9.93 -32.33
CA ALA A 459 10.84 9.89 -31.16
C ALA A 459 10.03 8.59 -31.09
N CYS A 460 10.73 7.47 -31.27
CA CYS A 460 10.15 6.15 -31.02
C CYS A 460 10.49 5.67 -29.61
N LEU A 461 11.78 5.52 -29.33
CA LEU A 461 12.21 5.18 -27.98
C LEU A 461 11.83 6.29 -27.00
N GLY A 462 11.98 7.54 -27.44
CA GLY A 462 11.55 8.64 -26.61
C GLY A 462 10.07 8.59 -26.30
N THR A 463 9.26 8.24 -27.30
CA THR A 463 7.83 8.13 -27.07
C THR A 463 7.52 7.01 -26.08
N TRP A 464 8.19 5.87 -26.20
CA TRP A 464 7.95 4.76 -25.28
C TRP A 464 8.33 5.14 -23.84
N VAL A 465 9.51 5.73 -23.67
CA VAL A 465 9.95 6.14 -22.34
C VAL A 465 9.02 7.21 -21.78
N LEU A 466 8.56 8.13 -22.63
CA LEU A 466 7.64 9.16 -22.18
C LEU A 466 6.32 8.55 -21.74
N TYR A 467 5.85 7.53 -22.46
CA TYR A 467 4.62 6.86 -22.05
C TYR A 467 4.77 6.26 -20.67
N HIS A 468 5.88 5.56 -20.43
CA HIS A 468 6.08 4.94 -19.13
C HIS A 468 6.22 5.99 -18.03
N ASN A 469 6.94 7.08 -18.31
CA ASN A 469 7.12 8.13 -17.33
C ASN A 469 5.80 8.82 -17.01
N LEU A 470 4.98 9.06 -18.01
CA LEU A 470 3.67 9.65 -17.79
C LEU A 470 2.79 8.72 -16.94
N ARG A 471 2.86 7.41 -17.20
CA ARG A 471 2.13 6.47 -16.36
C ARG A 471 2.60 6.57 -14.92
N ILE A 472 3.91 6.66 -14.71
CA ILE A 472 4.45 6.77 -13.36
C ILE A 472 3.93 8.02 -12.67
N MET A 473 3.98 9.17 -13.35
CA MET A 473 3.53 10.42 -12.73
C MET A 473 2.04 10.40 -12.43
N ILE A 474 1.23 9.88 -13.36
CA ILE A 474 -0.21 9.84 -13.13
C ILE A 474 -0.54 8.96 -11.94
N GLN A 475 0.10 7.77 -11.87
CA GLN A 475 -0.14 6.89 -10.74
C GLN A 475 0.32 7.52 -9.44
N TYR A 476 1.45 8.24 -9.46
CA TYR A 476 1.92 8.92 -8.26
C TYR A 476 0.90 9.95 -7.79
N LEU A 477 0.36 10.74 -8.71
CA LEU A 477 -0.61 11.76 -8.32
C LEU A 477 -1.89 11.15 -7.78
N LEU A 478 -2.39 10.10 -8.42
CA LEU A 478 -3.64 9.49 -7.97
C LEU A 478 -3.46 8.74 -6.66
N SER A 479 -2.25 8.27 -6.36
CA SER A 479 -2.00 7.58 -5.11
C SER A 479 -2.31 8.46 -3.90
N GLY A 480 -2.09 9.76 -4.02
CA GLY A 480 -2.44 10.65 -2.92
C GLY A 480 -3.93 10.67 -2.65
N PHE A 481 -4.74 10.59 -3.69
CA PHE A 481 -6.17 10.40 -3.51
C PHE A 481 -6.46 9.06 -2.85
N GLU A 482 -5.74 8.01 -3.27
CA GLU A 482 -5.96 6.69 -2.68
C GLU A 482 -5.65 6.69 -1.18
N LEU A 483 -4.68 7.50 -0.75
CA LEU A 483 -4.23 7.52 0.63
C LEU A 483 -4.80 8.68 1.44
N GLU A 484 -5.76 9.42 0.88
CA GLU A 484 -6.35 10.59 1.53
C GLU A 484 -5.28 11.58 2.00
N LEU A 485 -4.30 11.81 1.13
CA LEU A 485 -3.22 12.75 1.44
C LEU A 485 -3.50 14.17 0.99
N TYR A 486 -4.59 14.41 0.25
CA TYR A 486 -4.92 15.73 -0.26
C TYR A 486 -6.06 16.33 0.54
N SER A 487 -5.96 17.62 0.84
CA SER A 487 -7.03 18.32 1.54
C SER A 487 -8.11 18.72 0.55
N MET A 488 -9.17 19.33 1.08
CA MET A 488 -10.31 19.72 0.24
C MET A 488 -9.91 20.76 -0.79
N HIS A 489 -9.13 21.76 -0.38
CA HIS A 489 -8.78 22.88 -1.25
C HIS A 489 -7.63 22.55 -2.19
N GLU A 490 -7.01 21.38 -2.08
CA GLU A 490 -5.98 20.96 -3.00
C GLU A 490 -6.52 20.15 -4.16
N TYR A 491 -7.82 19.83 -4.16
CA TYR A 491 -8.38 18.98 -5.20
C TYR A 491 -8.31 19.65 -6.57
N TYR A 492 -8.59 20.95 -6.64
CA TYR A 492 -8.75 21.59 -7.93
C TYR A 492 -7.46 21.59 -8.73
N TYR A 493 -6.33 21.91 -8.10
CA TYR A 493 -5.11 21.96 -8.90
C TYR A 493 -4.50 20.60 -9.15
N ILE A 494 -4.68 19.63 -8.23
CA ILE A 494 -4.27 18.27 -8.52
C ILE A 494 -5.05 17.72 -9.70
N TYR A 495 -6.36 17.94 -9.72
CA TYR A 495 -7.18 17.45 -10.81
C TYR A 495 -6.88 18.18 -12.11
N TRP A 496 -6.60 19.48 -12.04
CA TRP A 496 -6.20 20.20 -13.25
C TRP A 496 -4.90 19.65 -13.81
N TYR A 497 -3.93 19.39 -12.95
CA TYR A 497 -2.68 18.81 -13.42
C TYR A 497 -2.91 17.45 -14.05
N LEU A 498 -3.76 16.62 -13.44
CA LEU A 498 -4.02 15.30 -13.99
C LEU A 498 -4.72 15.38 -15.34
N SER A 499 -5.69 16.27 -15.48
CA SER A 499 -6.55 16.27 -16.67
C SER A 499 -5.98 17.13 -17.79
N GLU A 500 -5.79 18.42 -17.52
CA GLU A 500 -5.42 19.36 -18.58
C GLU A 500 -3.99 19.20 -19.07
N PHE A 501 -3.08 18.68 -18.24
CA PHE A 501 -1.68 18.60 -18.61
C PHE A 501 -1.18 17.17 -18.77
N LEU A 502 -1.30 16.35 -17.72
CA LEU A 502 -0.72 15.01 -17.76
C LEU A 502 -1.45 14.12 -18.76
N TYR A 503 -2.79 14.13 -18.72
CA TYR A 503 -3.55 13.25 -19.60
C TYR A 503 -3.51 13.71 -21.04
N ALA A 504 -3.40 15.02 -21.29
CA ALA A 504 -3.21 15.49 -22.65
C ALA A 504 -1.90 14.96 -23.22
N TRP A 505 -0.83 14.99 -22.43
CA TRP A 505 0.43 14.42 -22.87
C TRP A 505 0.31 12.92 -23.09
N LEU A 506 -0.44 12.24 -22.22
CA LEU A 506 -0.63 10.80 -22.40
C LEU A 506 -1.36 10.49 -23.70
N MET A 507 -2.39 11.28 -24.03
CA MET A 507 -3.10 11.08 -25.28
C MET A 507 -2.22 11.38 -26.49
N SER A 508 -1.42 12.44 -26.42
CA SER A 508 -0.50 12.71 -27.51
C SER A 508 0.48 11.55 -27.70
N THR A 509 1.01 11.03 -26.60
CA THR A 509 1.94 9.91 -26.68
C THR A 509 1.28 8.69 -27.29
N LEU A 510 0.06 8.36 -26.83
CA LEU A 510 -0.62 7.17 -27.32
C LEU A 510 -0.97 7.31 -28.80
N SER A 511 -1.44 8.48 -29.21
CA SER A 511 -1.79 8.71 -30.61
C SER A 511 -0.56 8.60 -31.49
N ARG A 512 0.55 9.19 -31.07
CA ARG A 512 1.78 9.09 -31.84
C ARG A 512 2.29 7.66 -31.91
N ALA A 513 2.17 6.91 -30.80
CA ALA A 513 2.59 5.52 -30.80
C ALA A 513 1.75 4.71 -31.78
N ASP A 514 0.44 4.92 -31.78
CA ASP A 514 -0.41 4.19 -32.72
C ASP A 514 -0.10 4.59 -34.15
N GLY A 515 0.18 5.87 -34.38
CA GLY A 515 0.55 6.30 -35.73
C GLY A 515 1.83 5.65 -36.22
N SER A 516 2.84 5.58 -35.34
CA SER A 516 4.08 4.90 -35.71
C SER A 516 3.85 3.41 -35.92
N GLN A 517 2.93 2.82 -35.15
CA GLN A 517 2.58 1.41 -35.35
C GLN A 517 1.96 1.21 -36.73
N MET A 518 1.05 2.10 -37.12
CA MET A 518 0.43 2.00 -38.44
C MET A 518 1.45 2.20 -39.54
N ALA A 519 2.36 3.15 -39.37
CA ALA A 519 3.38 3.43 -40.37
C ALA A 519 4.35 2.27 -40.57
N GLU A 520 4.65 1.52 -39.52
CA GLU A 520 5.49 0.33 -39.66
C GLU A 520 4.73 -0.86 -40.23
N GLU A 521 3.41 -0.83 -40.17
CA GLU A 521 2.58 -1.90 -40.73
C GLU A 521 2.20 -1.59 -42.17
N ARG A 543 -5.72 -3.60 -32.63
CA ARG A 543 -5.60 -2.34 -31.90
C ARG A 543 -5.36 -2.58 -30.42
N PRO A 544 -4.11 -2.88 -30.05
CA PRO A 544 -3.82 -3.20 -28.65
C PRO A 544 -3.82 -1.99 -27.72
N LEU A 545 -3.86 -0.78 -28.27
CA LEU A 545 -3.89 0.44 -27.47
C LEU A 545 -5.22 1.16 -27.52
N SER A 546 -6.15 0.71 -28.35
CA SER A 546 -7.45 1.37 -28.45
C SER A 546 -8.20 1.29 -27.12
N ARG A 547 -8.14 0.14 -26.47
CA ARG A 547 -8.74 0.02 -25.14
C ARG A 547 -8.06 0.95 -24.14
N GLU A 548 -6.73 1.03 -24.20
CA GLU A 548 -6.01 1.93 -23.31
C GLU A 548 -6.35 3.39 -23.60
N ILE A 549 -6.47 3.75 -24.87
CA ILE A 549 -6.85 5.11 -25.24
C ILE A 549 -8.24 5.42 -24.71
N THR A 550 -9.17 4.48 -24.84
CA THR A 550 -10.54 4.68 -24.34
C THR A 550 -10.55 4.86 -22.82
N MET A 551 -9.80 4.02 -22.10
CA MET A 551 -9.76 4.12 -20.65
C MET A 551 -9.16 5.46 -20.22
N SER A 552 -8.10 5.89 -20.91
CA SER A 552 -7.51 7.20 -20.62
C SER A 552 -8.48 8.32 -20.93
N GLN A 553 -9.30 8.17 -21.97
CA GLN A 553 -10.30 9.18 -22.28
C GLN A 553 -11.32 9.30 -21.16
N ALA A 554 -11.81 8.17 -20.67
CA ALA A 554 -12.75 8.20 -19.56
C ALA A 554 -12.11 8.81 -18.32
N TYR A 555 -10.87 8.42 -18.01
CA TYR A 555 -10.18 8.96 -16.84
C TYR A 555 -9.99 10.47 -16.96
N GLN A 556 -9.59 10.94 -18.14
CA GLN A 556 -9.37 12.36 -18.35
C GLN A 556 -10.66 13.15 -18.23
N ASN A 557 -11.76 12.62 -18.77
CA ASN A 557 -13.02 13.33 -18.65
C ASN A 557 -13.49 13.38 -17.21
N MET A 558 -13.30 12.28 -16.47
CA MET A 558 -13.65 12.28 -15.05
C MET A 558 -12.83 13.33 -14.30
N CYS A 559 -11.53 13.37 -14.54
CA CYS A 559 -10.67 14.33 -13.85
C CYS A 559 -11.02 15.76 -14.22
N ALA A 560 -11.30 16.02 -15.49
CA ALA A 560 -11.67 17.37 -15.92
C ALA A 560 -12.98 17.81 -15.31
N GLY A 561 -13.98 16.93 -15.27
CA GLY A 561 -15.23 17.26 -14.60
C GLY A 561 -15.03 17.55 -13.13
N MET A 562 -14.22 16.74 -12.45
CA MET A 562 -13.96 16.98 -11.04
C MET A 562 -13.23 18.30 -10.82
N PHE A 563 -12.29 18.63 -11.71
CA PHE A 563 -11.57 19.89 -11.59
C PHE A 563 -12.50 21.08 -11.76
N LYS A 564 -13.37 21.04 -12.76
CA LYS A 564 -14.33 22.12 -12.95
C LYS A 564 -15.27 22.22 -11.76
N THR A 565 -15.68 21.08 -11.22
CA THR A 565 -16.51 21.05 -10.03
C THR A 565 -15.84 21.74 -8.86
N MET A 566 -14.57 21.42 -8.60
CA MET A 566 -13.87 22.02 -7.48
C MET A 566 -13.67 23.52 -7.68
N VAL A 567 -13.38 23.92 -8.92
CA VAL A 567 -13.22 25.35 -9.21
C VAL A 567 -14.53 26.09 -8.93
N ALA A 568 -15.64 25.54 -9.39
CA ALA A 568 -16.94 26.18 -9.14
C ALA A 568 -17.27 26.19 -7.65
N PHE A 569 -16.94 25.12 -6.93
CA PHE A 569 -17.19 25.08 -5.49
C PHE A 569 -16.39 26.16 -4.77
N ASP A 570 -15.12 26.32 -5.15
CA ASP A 570 -14.30 27.37 -4.55
C ASP A 570 -14.86 28.75 -4.87
N MET A 571 -15.32 28.95 -6.11
CA MET A 571 -15.93 30.23 -6.46
C MET A 571 -17.20 30.46 -5.65
N ASP A 572 -18.00 29.42 -5.44
CA ASP A 572 -19.23 29.54 -4.67
C ASP A 572 -18.96 29.70 -3.18
N GLY A 573 -17.73 29.45 -2.74
CA GLY A 573 -17.42 29.56 -1.32
C GLY A 573 -17.75 28.34 -0.51
N LYS A 574 -17.98 27.19 -1.14
CA LYS A 574 -18.32 25.97 -0.45
C LYS A 574 -17.11 25.16 -0.02
N VAL A 575 -15.90 25.67 -0.24
CA VAL A 575 -14.66 24.98 0.10
C VAL A 575 -13.95 25.78 1.18
N ARG A 576 -13.60 25.11 2.28
CA ARG A 576 -12.94 25.77 3.41
C ARG A 576 -11.44 25.86 3.15
N LYS A 577 -10.93 27.08 3.22
CA LYS A 577 -9.50 27.33 3.02
C LYS A 577 -8.83 27.58 4.36
N PRO A 578 -7.52 27.30 4.46
CA PRO A 578 -6.82 27.56 5.72
C PRO A 578 -6.35 29.00 5.82
N LYS A 579 -6.92 29.71 6.80
CA LYS A 579 -6.59 31.13 7.04
C LYS A 579 -5.65 31.23 8.24
N PHE A 580 -4.39 31.48 7.91
CA PHE A 580 -3.31 31.72 8.88
C PHE A 580 -2.17 32.34 8.08
N GLU A 581 -1.53 33.36 8.65
CA GLU A 581 -0.69 34.38 7.98
C GLU A 581 0.49 33.82 7.17
N LEU A 582 1.06 32.67 7.55
CA LEU A 582 2.32 32.18 6.93
C LEU A 582 2.08 30.94 6.06
N ASP A 583 0.83 30.70 5.62
CA ASP A 583 0.53 29.54 4.74
C ASP A 583 0.10 30.06 3.37
N SER A 584 0.92 29.83 2.35
CA SER A 584 0.66 30.32 1.00
C SER A 584 0.48 29.16 0.04
N GLU A 585 -0.39 29.37 -0.95
CA GLU A 585 -0.62 28.36 -1.97
C GLU A 585 0.64 28.09 -2.79
N GLN A 586 1.51 29.09 -2.93
CA GLN A 586 2.67 28.95 -3.78
C GLN A 586 3.60 27.85 -3.29
N VAL A 587 3.96 27.89 -1.99
CA VAL A 587 4.88 26.91 -1.43
C VAL A 587 4.24 25.53 -1.43
N ARG A 588 2.95 25.46 -1.13
CA ARG A 588 2.23 24.20 -1.16
C ARG A 588 2.26 23.58 -2.56
N TYR A 589 2.00 24.39 -3.58
CA TYR A 589 2.02 23.89 -4.94
C TYR A 589 3.41 23.44 -5.35
N GLU A 590 4.44 24.20 -4.95
CA GLU A 590 5.80 23.81 -5.28
C GLU A 590 6.18 22.49 -4.62
N HIS A 591 5.78 22.29 -3.36
CA HIS A 591 6.17 21.08 -2.64
C HIS A 591 5.36 19.87 -3.09
N ARG A 592 4.09 20.06 -3.44
CA ARG A 592 3.26 18.95 -3.89
C ARG A 592 3.81 18.33 -5.17
N PHE A 593 4.25 19.16 -6.09
CA PHE A 593 4.75 18.72 -7.38
C PHE A 593 6.27 18.73 -7.46
N ALA A 594 6.94 18.65 -6.31
CA ALA A 594 8.40 18.63 -6.29
C ALA A 594 9.00 17.46 -7.07
N PRO A 595 8.50 16.22 -6.99
CA PRO A 595 9.13 15.13 -7.76
C PRO A 595 9.11 15.38 -9.26
N PHE A 596 8.21 16.22 -9.76
CA PHE A 596 8.16 16.51 -11.19
C PHE A 596 9.29 17.43 -11.64
N ASN A 597 10.09 17.95 -10.71
CA ASN A 597 11.23 18.77 -11.13
C ASN A 597 12.35 17.93 -11.72
N SER A 598 12.44 16.65 -11.36
CA SER A 598 13.52 15.81 -11.87
C SER A 598 13.32 15.41 -13.32
N VAL A 599 12.11 15.57 -13.85
CA VAL A 599 11.83 15.27 -15.25
C VAL A 599 12.02 16.53 -16.08
N MET A 600 12.34 16.36 -17.35
CA MET A 600 12.48 17.47 -18.29
C MET A 600 11.39 17.50 -19.35
N THR A 601 11.08 16.36 -19.95
CA THR A 601 9.98 16.25 -20.92
C THR A 601 8.94 15.28 -20.37
N PRO A 602 7.74 15.72 -20.02
CA PRO A 602 7.19 17.08 -20.15
C PRO A 602 7.74 18.05 -19.11
N PRO A 603 7.80 19.33 -19.46
CA PRO A 603 8.32 20.33 -18.52
C PRO A 603 7.42 20.45 -17.31
N PRO A 604 7.99 20.70 -16.13
CA PRO A 604 7.15 20.98 -14.96
C PRO A 604 6.39 22.27 -15.14
N VAL A 605 5.18 22.31 -14.59
CA VAL A 605 4.32 23.48 -14.65
C VAL A 605 4.38 24.16 -13.28
N HIS A 606 4.94 25.36 -13.24
CA HIS A 606 5.11 26.08 -11.99
C HIS A 606 3.82 26.79 -11.62
N TYR A 607 3.82 27.42 -10.44
CA TYR A 607 2.61 28.03 -9.91
C TYR A 607 2.11 29.15 -10.81
N LEU A 608 3.02 29.98 -11.32
CA LEU A 608 2.61 31.13 -12.12
C LEU A 608 1.96 30.67 -13.43
N GLN A 609 2.56 29.70 -14.11
CA GLN A 609 1.95 29.18 -15.32
C GLN A 609 0.63 28.50 -15.02
N PHE A 610 0.56 27.80 -13.89
CA PHE A 610 -0.69 27.14 -13.52
C PHE A 610 -1.80 28.16 -13.31
N LYS A 611 -1.51 29.27 -12.65
CA LYS A 611 -2.51 30.32 -12.45
C LYS A 611 -2.85 31.00 -13.77
N GLU A 612 -1.87 31.13 -14.67
CA GLU A 612 -2.15 31.75 -15.97
C GLU A 612 -3.09 30.90 -16.80
N MET A 613 -2.82 29.59 -16.90
CA MET A 613 -3.65 28.73 -17.72
C MET A 613 -4.99 28.39 -17.06
N SER A 614 -5.01 28.28 -15.74
CA SER A 614 -6.23 27.93 -15.03
C SER A 614 -7.13 29.15 -14.76
N ASP A 615 -6.68 30.34 -15.11
CA ASP A 615 -7.49 31.53 -14.91
C ASP A 615 -8.70 31.52 -15.85
N LEU A 616 -9.78 32.13 -15.38
CA LEU A 616 -11.03 32.18 -16.13
C LEU A 616 -11.29 33.54 -16.75
N ASN A 617 -10.30 34.43 -16.78
CA ASN A 617 -10.47 35.75 -17.36
C ASN A 617 -10.21 35.77 -18.86
N LYS A 618 -9.72 34.69 -19.44
CA LYS A 618 -9.61 34.62 -20.89
C LYS A 618 -10.98 34.62 -21.55
N TYR A 619 -11.92 33.85 -21.00
CA TYR A 619 -13.26 33.77 -21.58
C TYR A 619 -14.05 35.03 -21.23
N SER A 620 -14.57 35.69 -22.26
CA SER A 620 -15.41 36.87 -22.08
C SER A 620 -16.85 36.52 -22.40
N PRO A 621 -17.78 36.63 -21.44
CA PRO A 621 -17.59 37.02 -20.04
C PRO A 621 -17.03 35.89 -19.19
N PRO A 622 -16.43 36.18 -18.05
CA PRO A 622 -15.94 35.12 -17.16
C PRO A 622 -17.07 34.21 -16.73
N PRO A 623 -16.82 32.90 -16.67
CA PRO A 623 -17.91 31.96 -16.33
C PRO A 623 -18.28 32.05 -14.86
N GLN A 624 -19.58 31.88 -14.59
CA GLN A 624 -20.09 31.83 -13.24
C GLN A 624 -20.23 30.38 -12.80
N SER A 625 -20.79 30.17 -11.61
CA SER A 625 -20.97 28.82 -11.11
C SER A 625 -21.86 27.94 -11.98
N PRO A 626 -23.02 28.39 -12.48
CA PRO A 626 -23.82 27.50 -13.35
C PRO A 626 -23.07 27.05 -14.60
N GLU A 627 -22.28 27.94 -15.22
CA GLU A 627 -21.58 27.55 -16.45
C GLU A 627 -20.55 26.46 -16.18
N LEU A 628 -19.77 26.60 -15.10
CA LEU A 628 -18.79 25.57 -14.77
C LEU A 628 -19.48 24.27 -14.35
N TYR A 629 -20.61 24.37 -13.67
CA TYR A 629 -21.36 23.18 -13.32
C TYR A 629 -21.85 22.45 -14.57
N VAL A 630 -22.33 23.20 -15.56
CA VAL A 630 -22.77 22.59 -16.81
C VAL A 630 -21.59 21.98 -17.55
N ALA A 631 -20.42 22.63 -17.51
CA ALA A 631 -19.24 22.06 -18.14
C ALA A 631 -18.83 20.75 -17.49
N ALA A 632 -18.87 20.71 -16.15
CA ALA A 632 -18.57 19.46 -15.45
C ALA A 632 -19.59 18.38 -15.79
N SER A 633 -20.86 18.75 -15.91
CA SER A 633 -21.88 17.79 -16.31
C SER A 633 -21.61 17.25 -17.72
N LYS A 634 -21.21 18.12 -18.64
CA LYS A 634 -20.87 17.67 -19.98
C LYS A 634 -19.63 16.78 -20.01
N HIS A 635 -18.69 17.00 -19.10
CA HIS A 635 -17.54 16.10 -19.00
C HIS A 635 -17.95 14.74 -18.47
N PHE A 636 -18.77 14.72 -17.42
CA PHE A 636 -19.25 13.46 -16.87
C PHE A 636 -20.09 12.70 -17.88
N GLN A 637 -20.89 13.41 -18.67
CA GLN A 637 -21.69 12.75 -19.70
C GLN A 637 -20.80 12.12 -20.77
N GLN A 638 -19.75 12.82 -21.19
CA GLN A 638 -18.82 12.22 -22.14
C GLN A 638 -18.14 11.00 -21.55
N ALA A 639 -17.74 11.06 -20.29
CA ALA A 639 -17.16 9.90 -19.63
C ALA A 639 -18.11 8.71 -19.61
N LYS A 640 -19.38 8.97 -19.28
CA LYS A 640 -20.38 7.90 -19.27
C LYS A 640 -20.60 7.32 -20.66
N MET A 641 -20.73 8.19 -21.67
CA MET A 641 -20.96 7.73 -23.03
C MET A 641 -19.77 6.96 -23.58
N ILE A 642 -18.56 7.24 -23.09
CA ILE A 642 -17.39 6.47 -23.48
C ILE A 642 -17.41 5.12 -22.78
N LEU A 643 -17.54 5.12 -21.45
CA LEU A 643 -17.40 3.90 -20.68
C LEU A 643 -18.52 2.91 -20.99
N GLU A 644 -19.75 3.39 -21.16
CA GLU A 644 -20.90 2.50 -21.32
C GLU A 644 -21.08 2.06 -22.76
N ASN A 645 -20.03 2.18 -23.57
CA ASN A 645 -20.08 1.72 -24.95
C ASN A 645 -18.98 0.69 -25.20
N ILE A 646 -18.01 0.63 -24.30
CA ILE A 646 -16.91 -0.33 -24.42
C ILE A 646 -17.39 -1.72 -24.02
N PRO A 649 -16.86 -5.68 -20.69
CA PRO A 649 -16.34 -4.78 -19.67
C PRO A 649 -15.96 -5.52 -18.39
N ASP A 650 -15.07 -4.93 -17.60
CA ASP A 650 -14.56 -5.55 -16.38
C ASP A 650 -14.95 -4.71 -15.17
N HIS A 651 -14.42 -5.09 -14.01
CA HIS A 651 -14.81 -4.46 -12.75
C HIS A 651 -14.43 -2.98 -12.72
N GLU A 652 -13.26 -2.64 -13.25
CA GLU A 652 -12.81 -1.25 -13.21
C GLU A 652 -13.74 -0.34 -13.98
N VAL A 653 -14.20 -0.79 -15.15
CA VAL A 653 -15.15 0.01 -15.93
C VAL A 653 -16.44 0.20 -15.15
N ASN A 654 -16.92 -0.86 -14.48
CA ASN A 654 -18.12 -0.73 -13.67
C ASN A 654 -17.93 0.25 -12.53
N ARG A 655 -16.76 0.22 -11.88
CA ARG A 655 -16.50 1.16 -10.79
C ARG A 655 -16.45 2.59 -11.28
N ILE A 656 -15.80 2.82 -12.43
CA ILE A 656 -15.76 4.16 -13.00
C ILE A 656 -17.16 4.62 -13.38
N LEU A 657 -17.97 3.75 -13.95
CA LEU A 657 -19.33 4.11 -14.33
C LEU A 657 -20.18 4.41 -13.11
N LYS A 658 -19.98 3.65 -12.03
CA LYS A 658 -20.76 3.89 -10.81
C LYS A 658 -20.29 5.16 -10.10
N VAL A 659 -19.04 5.57 -10.36
CA VAL A 659 -18.58 6.85 -9.80
C VAL A 659 -18.95 8.02 -10.70
N ALA A 660 -19.28 7.77 -11.96
CA ALA A 660 -19.61 8.84 -12.90
C ALA A 660 -21.09 9.09 -13.05
N LYS A 661 -21.91 8.05 -13.11
CA LYS A 661 -23.34 8.23 -13.40
C LYS A 661 -24.06 9.08 -12.35
N PRO A 662 -23.95 8.81 -11.04
CA PRO A 662 -24.62 9.70 -10.08
C PRO A 662 -24.00 11.08 -10.03
N ASN A 663 -22.70 11.19 -10.35
CA ASN A 663 -22.04 12.48 -10.32
C ASN A 663 -22.66 13.44 -11.34
N PHE A 664 -22.97 12.93 -12.53
CA PHE A 664 -23.56 13.76 -13.58
C PHE A 664 -24.91 14.30 -13.15
N VAL A 665 -25.77 13.45 -12.61
CA VAL A 665 -27.10 13.90 -12.22
C VAL A 665 -27.01 14.84 -11.02
N VAL A 666 -26.07 14.59 -10.11
CA VAL A 666 -25.87 15.48 -8.98
C VAL A 666 -25.49 16.88 -9.46
N MET A 667 -24.56 16.94 -10.43
CA MET A 667 -24.12 18.25 -10.88
C MET A 667 -25.17 18.93 -11.74
N LYS A 668 -25.92 18.17 -12.54
CA LYS A 668 -27.02 18.77 -13.29
C LYS A 668 -28.07 19.34 -12.35
N LEU A 669 -28.39 18.62 -11.28
CA LEU A 669 -29.33 19.14 -10.28
C LEU A 669 -28.78 20.40 -9.62
N LEU A 670 -27.49 20.40 -9.28
CA LEU A 670 -26.90 21.52 -8.56
C LEU A 670 -26.71 22.74 -9.44
N ALA A 671 -26.59 22.56 -10.75
CA ALA A 671 -26.45 23.69 -11.66
C ALA A 671 -27.73 24.51 -11.78
N GLY A 672 -28.86 23.98 -11.33
CA GLY A 672 -30.13 24.67 -11.42
C GLY A 672 -30.41 25.65 -10.30
N GLY A 673 -29.47 25.86 -9.41
CA GLY A 673 -29.66 26.77 -8.29
C GLY A 673 -29.93 26.13 -6.96
N HIS A 674 -29.89 24.81 -6.86
CA HIS A 674 -30.17 24.11 -5.61
C HIS A 674 -29.02 24.29 -4.64
N LYS A 675 -29.35 24.58 -3.38
CA LYS A 675 -28.35 24.72 -2.31
C LYS A 675 -27.29 25.74 -2.66
N LYS A 676 -27.70 26.80 -3.36
CA LYS A 676 -26.75 27.84 -3.75
C LYS A 676 -26.40 28.73 -2.55
N GLU A 677 -27.40 29.10 -1.76
CA GLU A 677 -27.14 29.98 -0.62
C GLU A 677 -26.42 29.27 0.52
N SER A 678 -26.49 27.95 0.58
CA SER A 678 -25.80 27.21 1.62
C SER A 678 -24.29 27.30 1.45
N LYS A 679 -23.58 27.16 2.57
CA LYS A 679 -22.12 27.20 2.56
C LYS A 679 -21.50 25.94 3.16
N VAL A 680 -22.29 24.90 3.39
CA VAL A 680 -21.74 23.66 3.96
C VAL A 680 -20.83 22.99 2.94
N PRO A 681 -19.66 22.50 3.35
CA PRO A 681 -18.79 21.80 2.40
C PRO A 681 -19.38 20.46 2.02
N PRO A 682 -19.50 20.18 0.73
CA PRO A 682 -20.06 18.89 0.29
C PRO A 682 -19.14 17.73 0.66
N GLU A 683 -19.75 16.57 0.89
CA GLU A 683 -19.01 15.36 1.22
C GLU A 683 -18.54 14.68 -0.04
N PHE A 684 -17.35 14.08 0.03
CA PHE A 684 -16.75 13.37 -1.09
C PHE A 684 -16.50 11.93 -0.70
N ASP A 685 -17.34 11.02 -1.19
CA ASP A 685 -17.26 9.61 -0.84
C ASP A 685 -16.35 8.90 -1.83
N PHE A 686 -15.25 8.35 -1.34
CA PHE A 686 -14.32 7.59 -2.15
C PHE A 686 -14.57 6.09 -2.06
N SER A 687 -15.69 5.68 -1.48
CA SER A 687 -16.02 4.26 -1.41
C SER A 687 -16.30 3.70 -2.80
N ALA A 688 -17.00 4.46 -3.64
CA ALA A 688 -17.40 3.97 -4.96
C ALA A 688 -16.18 3.66 -5.83
N HIS A 689 -15.21 4.57 -5.86
CA HIS A 689 -14.00 4.36 -6.66
C HIS A 689 -12.83 4.92 -5.87
N LYS A 690 -11.66 4.32 -6.07
CA LYS A 690 -10.44 4.66 -5.34
C LYS A 690 -10.04 6.12 -5.55
N TYR A 691 -10.09 6.59 -6.79
CA TYR A 691 -9.52 7.89 -7.14
C TYR A 691 -10.57 8.98 -7.28
N PHE A 692 -11.75 8.65 -7.78
CA PHE A 692 -12.76 9.67 -8.08
C PHE A 692 -13.90 9.59 -7.07
N PRO A 693 -14.23 10.70 -6.41
CA PRO A 693 -15.28 10.67 -5.39
C PRO A 693 -16.65 11.00 -5.94
N VAL A 694 -17.66 10.51 -5.23
CA VAL A 694 -19.05 10.87 -5.49
C VAL A 694 -19.41 12.01 -4.56
N VAL A 695 -19.61 13.20 -5.12
CA VAL A 695 -19.85 14.40 -4.32
C VAL A 695 -21.33 14.43 -3.95
N LYS A 696 -21.63 14.11 -2.71
CA LYS A 696 -22.99 14.20 -2.20
C LYS A 696 -23.22 15.57 -1.56
N LEU A 697 -24.49 15.98 -1.53
CA LEU A 697 -24.86 17.27 -0.98
C LEU A 697 -25.42 17.20 0.43
N VAL A 698 -25.87 16.03 0.88
CA VAL A 698 -26.38 15.89 2.22
C VAL A 698 -25.24 16.01 3.22
N ARG B 1 -12.86 33.42 33.99
CA ARG B 1 -11.95 32.35 33.62
C ARG B 1 -10.96 32.83 32.57
N THR B 2 -9.87 33.44 33.03
CA THR B 2 -8.84 33.99 32.16
C THR B 2 -7.74 32.96 31.95
N ILE B 3 -7.35 32.77 30.70
CA ILE B 3 -6.32 31.79 30.34
C ILE B 3 -5.07 32.55 29.90
N ARG B 4 -3.92 31.92 30.10
CA ARG B 4 -2.63 32.56 29.88
C ARG B 4 -1.69 31.59 29.17
N TYR B 5 -0.78 32.14 28.37
CA TYR B 5 0.21 31.36 27.67
C TYR B 5 1.59 31.78 28.15
N VAL B 6 2.40 30.82 28.57
CA VAL B 6 3.68 31.09 29.21
C VAL B 6 4.73 30.13 28.66
N ARG B 7 5.92 30.66 28.37
CA ARG B 7 7.01 29.83 27.89
C ARG B 7 7.56 28.97 29.02
N TYR B 8 8.66 28.28 28.75
CA TYR B 8 9.28 27.39 29.72
C TYR B 8 10.55 28.04 30.25
N GLU B 9 10.46 28.63 31.44
CA GLU B 9 11.66 29.11 32.13
C GLU B 9 11.41 28.97 33.64
N SER B 10 11.76 27.80 34.18
CA SER B 10 11.70 27.50 35.60
C SER B 10 12.17 26.07 35.81
N GLU B 11 12.21 25.61 37.06
CA GLU B 11 12.17 24.17 37.35
C GLU B 11 11.09 23.96 38.40
N LEU B 12 9.84 23.99 37.95
CA LEU B 12 8.69 23.52 38.72
C LEU B 12 7.64 22.84 37.87
N GLN B 13 7.68 22.98 36.55
CA GLN B 13 6.55 22.70 35.69
C GLN B 13 6.60 21.33 35.02
N MET B 14 7.77 20.71 34.94
CA MET B 14 7.85 19.37 34.38
C MET B 14 6.93 18.38 35.09
N PRO B 15 6.85 18.34 36.43
CA PRO B 15 5.82 17.49 37.06
C PRO B 15 4.41 17.83 36.62
N ASP B 16 4.13 19.11 36.37
CA ASP B 16 2.84 19.49 35.81
C ASP B 16 2.72 19.07 34.36
N ILE B 17 3.83 19.06 33.62
CA ILE B 17 3.78 18.74 32.20
C ILE B 17 3.40 17.27 32.01
N MET B 18 4.08 16.37 32.73
CA MET B 18 3.80 14.95 32.59
C MET B 18 2.37 14.61 32.95
N ARG B 19 1.83 15.26 33.99
CA ARG B 19 0.44 15.05 34.36
C ARG B 19 -0.50 15.39 33.22
N LEU B 20 -0.12 16.33 32.35
CA LEU B 20 -0.96 16.69 31.21
C LEU B 20 -0.67 15.87 29.98
N ILE B 21 0.30 14.96 30.04
CA ILE B 21 0.61 14.11 28.88
C ILE B 21 0.07 12.71 29.08
N THR B 22 0.42 12.06 30.20
CA THR B 22 0.02 10.69 30.43
C THR B 22 -1.49 10.56 30.59
N LYS B 23 -2.16 11.65 30.95
CA LYS B 23 -3.61 11.64 31.07
C LYS B 23 -4.32 11.91 29.74
N ASP B 24 -3.57 12.12 28.65
CA ASP B 24 -4.17 12.46 27.38
C ASP B 24 -4.00 11.36 26.33
N LEU B 25 -2.76 10.93 26.07
CA LEU B 25 -2.52 9.90 25.07
C LEU B 25 -2.90 8.52 25.61
N TYR B 29 4.94 7.71 27.37
CA TYR B 29 6.37 7.78 27.06
C TYR B 29 7.20 7.88 28.33
N SER B 30 8.49 7.59 28.22
CA SER B 30 9.37 7.66 29.38
C SER B 30 9.58 9.10 29.81
N ILE B 31 9.90 9.27 31.10
CA ILE B 31 10.14 10.61 31.64
C ILE B 31 11.39 11.21 31.01
N TYR B 32 12.35 10.39 30.62
CA TYR B 32 13.58 10.91 30.02
C TYR B 32 13.33 11.50 28.64
N THR B 33 12.28 11.06 27.94
CA THR B 33 11.94 11.68 26.66
C THR B 33 11.56 13.15 26.85
N TYR B 34 10.63 13.43 27.77
CA TYR B 34 10.27 14.81 28.07
C TYR B 34 11.46 15.57 28.64
N ARG B 35 12.25 14.91 29.49
CA ARG B 35 13.42 15.57 30.06
C ARG B 35 14.38 16.03 28.98
N TYR B 36 14.69 15.15 28.03
CA TYR B 36 15.58 15.50 26.94
C TYR B 36 14.99 16.62 26.08
N PHE B 37 13.70 16.52 25.76
CA PHE B 37 13.10 17.51 24.88
C PHE B 37 13.08 18.89 25.52
N ILE B 38 12.79 18.96 26.82
CA ILE B 38 12.85 20.23 27.53
C ILE B 38 14.29 20.71 27.64
N HIS B 39 15.24 19.78 27.84
CA HIS B 39 16.64 20.13 27.96
C HIS B 39 17.14 20.87 26.72
N ASN B 40 17.12 20.18 25.58
CA ASN B 40 17.82 20.72 24.40
C ASN B 40 17.09 21.92 23.81
N TRP B 41 15.76 21.96 23.89
CA TRP B 41 14.97 23.04 23.31
C TRP B 41 13.98 23.59 24.31
N PRO B 42 14.45 24.32 25.32
CA PRO B 42 13.52 24.94 26.27
C PRO B 42 12.77 26.12 25.68
N GLN B 43 13.28 26.72 24.60
CA GLN B 43 12.64 27.87 24.00
C GLN B 43 11.40 27.51 23.17
N LEU B 44 11.11 26.22 23.01
CA LEU B 44 9.98 25.78 22.21
C LEU B 44 8.85 25.16 23.01
N CYS B 45 9.07 24.83 24.27
CA CYS B 45 8.04 24.21 25.10
C CYS B 45 7.18 25.30 25.72
N PHE B 46 5.88 25.26 25.43
CA PHE B 46 4.95 26.28 25.90
C PHE B 46 3.86 25.64 26.72
N LEU B 47 3.29 26.42 27.64
CA LEU B 47 2.21 25.94 28.50
C LEU B 47 1.08 26.94 28.51
N ALA B 48 -0.12 26.44 28.75
CA ALA B 48 -1.32 27.25 28.87
C ALA B 48 -1.85 27.07 30.28
N MET B 49 -1.69 28.11 31.10
CA MET B 49 -2.04 28.08 32.51
C MET B 49 -3.23 29.01 32.75
N VAL B 50 -4.24 28.50 33.44
CA VAL B 50 -5.42 29.27 33.80
C VAL B 50 -5.51 29.28 35.32
N GLY B 51 -5.32 30.44 35.93
CA GLY B 51 -5.31 30.55 37.37
C GLY B 51 -3.98 30.18 37.99
N GLU B 52 -3.95 29.07 38.71
CA GLU B 52 -2.73 28.57 39.35
C GLU B 52 -2.46 27.14 38.97
N GLU B 53 -3.02 26.71 37.83
CA GLU B 53 -2.80 25.37 37.31
C GLU B 53 -2.45 25.49 35.84
N CYS B 54 -2.16 24.36 35.20
CA CYS B 54 -1.78 24.31 33.79
C CYS B 54 -2.87 23.61 33.01
N VAL B 55 -3.39 24.29 31.98
CA VAL B 55 -4.51 23.78 31.21
C VAL B 55 -4.06 23.02 29.96
N GLY B 56 -3.00 23.45 29.30
CA GLY B 56 -2.54 22.76 28.11
C GLY B 56 -1.03 22.86 27.99
N ALA B 57 -0.48 22.10 27.06
CA ALA B 57 0.97 22.08 26.91
C ALA B 57 1.36 21.67 25.50
N ILE B 58 2.51 22.17 25.05
CA ILE B 58 3.10 21.76 23.79
C ILE B 58 4.61 21.66 23.96
N VAL B 59 5.18 20.56 23.48
CA VAL B 59 6.62 20.33 23.50
C VAL B 59 7.06 20.05 22.07
N CYS B 60 8.07 20.80 21.61
CA CYS B 60 8.57 20.72 20.26
C CYS B 60 10.09 20.68 20.24
N LYS B 61 10.65 20.18 19.15
CA LYS B 61 12.08 20.17 18.93
C LYS B 61 12.38 20.69 17.54
N LEU B 62 13.51 21.37 17.41
CA LEU B 62 13.96 21.88 16.12
C LEU B 62 15.40 21.43 15.93
N ASP B 63 15.63 20.60 14.92
CA ASP B 63 16.95 20.02 14.69
C ASP B 63 17.27 20.07 13.21
N MET B 64 18.57 20.12 12.92
CA MET B 64 19.03 20.15 11.53
C MET B 64 19.23 18.73 11.00
N PHE B 69 18.45 21.27 5.39
CA PHE B 69 17.31 22.10 5.77
C PHE B 69 17.03 21.97 7.27
N ARG B 70 16.76 23.10 7.93
CA ARG B 70 16.43 23.11 9.34
C ARG B 70 14.95 22.80 9.50
N ARG B 71 14.64 21.63 10.04
CA ARG B 71 13.27 21.15 10.16
C ARG B 71 12.84 21.17 11.62
N GLY B 72 11.68 21.76 11.88
CA GLY B 72 11.10 21.68 13.20
C GLY B 72 10.17 20.50 13.35
N TYR B 73 9.92 20.12 14.59
CA TYR B 73 9.08 18.96 14.88
C TYR B 73 8.25 19.26 16.11
N ILE B 74 6.97 18.89 16.06
CA ILE B 74 6.05 19.08 17.17
C ILE B 74 5.86 17.72 17.83
N ALA B 75 6.35 17.59 19.06
CA ALA B 75 6.40 16.29 19.71
C ALA B 75 5.12 15.97 20.49
N MET B 76 4.61 16.94 21.24
CA MET B 76 3.42 16.70 22.04
C MET B 76 2.58 17.96 22.08
N LEU B 77 1.26 17.79 22.01
CA LEU B 77 0.32 18.90 22.15
C LEU B 77 -0.93 18.36 22.82
N ALA B 78 -1.16 18.76 24.08
CA ALA B 78 -2.26 18.21 24.85
C ALA B 78 -3.03 19.31 25.54
N VAL B 79 -4.34 19.09 25.69
CA VAL B 79 -5.22 20.00 26.41
C VAL B 79 -6.03 19.18 27.40
N ASP B 80 -6.40 19.79 28.51
CA ASP B 80 -7.27 19.13 29.47
C ASP B 80 -8.63 18.84 28.86
N SER B 81 -9.27 17.77 29.34
CA SER B 81 -10.56 17.36 28.79
C SER B 81 -11.62 18.44 29.01
N LYS B 82 -11.64 19.04 30.20
CA LYS B 82 -12.65 20.05 30.51
C LYS B 82 -12.41 21.38 29.80
N TYR B 83 -11.27 21.53 29.11
CA TYR B 83 -10.89 22.81 28.52
C TYR B 83 -10.66 22.72 27.01
N ARG B 84 -11.16 21.67 26.36
CA ARG B 84 -11.00 21.58 24.92
C ARG B 84 -12.03 22.44 24.20
N ARG B 85 -11.83 22.61 22.89
CA ARG B 85 -12.72 23.30 21.97
C ARG B 85 -12.83 24.79 22.25
N ASN B 86 -11.97 25.35 23.09
CA ASN B 86 -11.96 26.78 23.34
C ASN B 86 -10.91 27.53 22.53
N GLY B 87 -10.21 26.85 21.63
CA GLY B 87 -9.16 27.48 20.87
C GLY B 87 -7.82 27.57 21.56
N ILE B 88 -7.65 26.90 22.70
CA ILE B 88 -6.36 26.91 23.38
C ILE B 88 -5.30 26.24 22.53
N GLY B 89 -5.65 25.11 21.91
CA GLY B 89 -4.67 24.38 21.13
C GLY B 89 -4.19 25.14 19.91
N THR B 90 -5.11 25.81 19.21
CA THR B 90 -4.72 26.56 18.02
C THR B 90 -3.76 27.69 18.36
N ASN B 91 -4.07 28.44 19.42
CA ASN B 91 -3.17 29.51 19.85
C ASN B 91 -1.84 28.96 20.31
N LEU B 92 -1.86 27.83 21.01
CA LEU B 92 -0.64 27.22 21.50
C LEU B 92 0.25 26.77 20.36
N VAL B 93 -0.34 26.20 19.31
CA VAL B 93 0.41 25.84 18.11
C VAL B 93 0.92 27.04 17.35
N LYS B 94 0.13 28.12 17.28
CA LYS B 94 0.57 29.36 16.66
C LYS B 94 1.77 29.99 17.36
N LYS B 95 1.75 30.02 18.70
CA LYS B 95 2.86 30.58 19.48
C LYS B 95 4.04 29.63 19.57
N ALA B 96 4.00 28.52 18.84
CA ALA B 96 5.14 27.64 18.75
C ALA B 96 5.68 27.70 17.33
N ILE B 97 4.78 27.81 16.36
CA ILE B 97 5.18 28.04 14.97
C ILE B 97 5.89 29.39 14.84
N TYR B 98 5.40 30.41 15.55
CA TYR B 98 6.06 31.71 15.50
C TYR B 98 7.45 31.65 16.12
N ALA B 99 7.61 30.94 17.23
CA ALA B 99 8.92 30.79 17.84
C ALA B 99 9.87 30.01 16.93
N MET B 100 9.34 28.99 16.25
CA MET B 100 10.13 28.25 15.28
C MET B 100 10.57 29.15 14.12
N VAL B 101 9.66 30.01 13.66
CA VAL B 101 9.99 30.93 12.57
C VAL B 101 11.08 31.90 13.01
N GLU B 102 10.97 32.43 14.22
CA GLU B 102 12.01 33.31 14.75
C GLU B 102 13.35 32.59 14.90
N GLY B 103 13.35 31.25 14.89
CA GLY B 103 14.55 30.46 14.95
C GLY B 103 15.08 29.99 13.61
N ASP B 104 14.60 30.58 12.51
CA ASP B 104 15.04 30.23 11.15
C ASP B 104 14.79 28.76 10.85
N CYS B 105 13.52 28.39 10.83
CA CYS B 105 13.09 27.05 10.46
C CYS B 105 12.45 27.07 9.07
N ASP B 106 12.57 25.94 8.37
CA ASP B 106 12.08 25.83 7.01
C ASP B 106 10.79 25.03 6.88
N GLU B 107 10.61 24.00 7.71
CA GLU B 107 9.41 23.18 7.65
C GLU B 107 9.12 22.63 9.04
N VAL B 108 7.83 22.57 9.37
CA VAL B 108 7.38 22.05 10.66
C VAL B 108 6.63 20.76 10.42
N VAL B 109 7.20 19.65 10.89
CA VAL B 109 6.65 18.33 10.63
C VAL B 109 6.09 17.76 11.92
N LEU B 110 5.16 16.81 11.78
CA LEU B 110 4.56 16.17 12.94
C LEU B 110 3.86 14.91 12.48
N GLU B 111 3.58 14.03 13.43
CA GLU B 111 2.86 12.79 13.18
C GLU B 111 1.62 12.74 14.06
N THR B 112 0.58 12.07 13.57
CA THR B 112 -0.66 11.95 14.32
C THR B 112 -1.37 10.66 13.95
N GLU B 113 -2.31 10.26 14.80
CA GLU B 113 -3.15 9.11 14.49
C GLU B 113 -4.22 9.51 13.50
N ILE B 114 -4.52 8.61 12.56
CA ILE B 114 -5.55 8.89 11.56
C ILE B 114 -6.92 8.98 12.21
N THR B 115 -7.10 8.38 13.39
CA THR B 115 -8.39 8.43 14.06
C THR B 115 -8.67 9.78 14.71
N ASN B 116 -7.63 10.54 15.05
CA ASN B 116 -7.80 11.83 15.72
C ASN B 116 -8.29 12.84 14.69
N LYS B 117 -9.60 12.80 14.44
CA LYS B 117 -10.20 13.69 13.45
C LYS B 117 -10.16 15.15 13.92
N SER B 118 -10.34 15.37 15.23
CA SER B 118 -10.32 16.74 15.74
C SER B 118 -8.95 17.37 15.55
N ALA B 119 -7.89 16.62 15.87
CA ALA B 119 -6.54 17.14 15.69
C ALA B 119 -6.24 17.39 14.21
N LEU B 120 -6.67 16.47 13.35
CA LEU B 120 -6.44 16.66 11.91
C LEU B 120 -7.14 17.90 11.40
N LYS B 121 -8.39 18.13 11.82
CA LYS B 121 -9.10 19.32 11.40
C LYS B 121 -8.43 20.58 11.93
N LEU B 122 -7.95 20.54 13.18
CA LEU B 122 -7.26 21.68 13.76
C LEU B 122 -6.01 22.02 12.96
N TYR B 123 -5.18 21.03 12.67
CA TYR B 123 -3.95 21.30 11.95
C TYR B 123 -4.22 21.70 10.50
N GLU B 124 -5.29 21.17 9.89
CA GLU B 124 -5.66 21.61 8.55
C GLU B 124 -6.10 23.06 8.56
N ASN B 125 -6.86 23.47 9.57
CA ASN B 125 -7.22 24.88 9.69
C ASN B 125 -5.98 25.75 9.88
N LEU B 126 -4.99 25.24 10.63
CA LEU B 126 -3.74 25.97 10.79
C LEU B 126 -2.90 26.00 9.52
N GLY B 127 -3.26 25.24 8.49
CA GLY B 127 -2.54 25.24 7.24
C GLY B 127 -1.66 24.04 6.98
N PHE B 128 -1.68 23.04 7.86
CA PHE B 128 -0.83 21.88 7.68
C PHE B 128 -1.40 20.94 6.62
N VAL B 129 -0.50 20.34 5.85
CA VAL B 129 -0.85 19.51 4.70
C VAL B 129 -0.23 18.14 4.87
N ARG B 130 -1.04 17.10 4.68
CA ARG B 130 -0.55 15.73 4.81
C ARG B 130 0.46 15.41 3.71
N ASP B 131 1.53 14.72 4.07
CA ASP B 131 2.58 14.37 3.13
C ASP B 131 2.76 12.87 2.97
N LYS B 132 2.72 12.10 4.05
CA LYS B 132 2.90 10.67 4.00
C LYS B 132 1.90 9.99 4.93
N ARG B 133 1.58 8.74 4.61
CA ARG B 133 0.75 7.90 5.45
C ARG B 133 1.51 6.64 5.80
N LEU B 134 1.60 6.34 7.08
CA LEU B 134 2.35 5.20 7.58
C LEU B 134 1.38 4.13 8.07
N PHE B 135 1.69 2.87 7.80
CA PHE B 135 0.82 1.76 8.13
C PHE B 135 1.27 1.13 9.44
N ARG B 136 0.32 1.04 10.38
CA ARG B 136 0.56 0.43 11.72
C ARG B 136 1.78 1.08 12.38
N TYR B 137 1.94 2.39 12.22
CA TYR B 137 3.07 3.10 12.79
C TYR B 137 2.98 3.20 14.30
N TYR B 138 1.78 3.30 14.85
CA TYR B 138 1.61 3.42 16.29
C TYR B 138 1.58 2.03 16.93
N LEU B 139 2.05 1.97 18.17
CA LEU B 139 2.10 0.70 18.88
C LEU B 139 0.70 0.10 19.11
N ASN B 140 -0.33 0.94 19.12
CA ASN B 140 -1.69 0.45 19.23
C ASN B 140 -2.06 -0.37 17.99
N GLY B 141 -1.64 0.08 16.81
CA GLY B 141 -1.93 -0.64 15.58
C GLY B 141 -2.52 0.25 14.50
N VAL B 142 -3.00 1.44 14.90
CA VAL B 142 -3.65 2.33 13.96
C VAL B 142 -2.62 2.96 13.02
N ASP B 143 -3.06 3.25 11.80
CA ASP B 143 -2.21 3.94 10.83
C ASP B 143 -2.03 5.40 11.24
N ALA B 144 -0.90 5.96 10.83
CA ALA B 144 -0.54 7.32 11.20
C ALA B 144 -0.40 8.20 9.95
N LEU B 145 -0.52 9.50 10.17
CA LEU B 145 -0.41 10.50 9.12
C LEU B 145 0.68 11.50 9.50
N ARG B 146 1.50 11.87 8.52
CA ARG B 146 2.57 12.84 8.73
C ARG B 146 2.14 14.16 8.09
N LEU B 147 1.99 15.18 8.91
CA LEU B 147 1.55 16.50 8.47
C LEU B 147 2.72 17.48 8.60
N LYS B 148 3.00 18.20 7.51
CA LYS B 148 4.07 19.18 7.53
C LYS B 148 3.57 20.49 6.93
N LEU B 149 4.08 21.58 7.49
CA LEU B 149 3.83 22.93 6.99
C LEU B 149 5.15 23.49 6.48
N TRP B 150 5.15 23.92 5.22
CA TRP B 150 6.33 24.47 4.58
C TRP B 150 6.27 25.99 4.65
N LEU B 151 7.38 26.60 5.07
CA LEU B 151 7.46 28.05 5.18
C LEU B 151 8.35 28.70 4.13
N ARG B 152 9.18 27.93 3.45
CA ARG B 152 10.07 28.47 2.43
C ARG B 152 10.48 27.38 1.45
N1A CMC C . -15.01 17.89 16.72
C2A CMC C . -14.95 18.67 15.64
N3A CMC C . -14.09 19.63 15.34
C4A CMC C . -13.20 19.76 16.34
C5A CMC C . -13.14 19.04 17.50
C6A CMC C . -14.09 18.05 17.69
N6A CMC C . -14.17 17.30 18.77
N7A CMC C . -12.07 19.48 18.26
C8A CMC C . -11.54 20.44 17.56
N9A CMC C . -12.16 20.64 16.38
C1B CMC C . -11.91 21.62 15.47
C2B CMC C . -12.24 22.88 16.23
O2B CMC C . -13.59 23.29 16.16
C3B CMC C . -11.23 23.83 15.66
O3B CMC C . -11.68 24.18 14.38
P3B CMC C . -12.71 25.41 14.58
O7A CMC C . -11.84 26.64 14.60
O8A CMC C . -13.68 25.42 13.42
O9A CMC C . -13.41 25.28 15.91
C4B CMC C . -10.02 22.93 15.68
O4B CMC C . -10.54 21.64 15.27
C5B CMC C . -9.45 22.71 17.06
O5B CMC C . -9.12 23.96 17.68
P1A CMC C . -8.98 23.87 19.24
O1A CMC C . -7.76 24.56 19.69
O2A CMC C . -10.30 24.05 19.84
O3A CMC C . -8.54 22.42 19.52
P2A CMC C . -8.38 22.27 21.06
O4A CMC C . -9.70 22.41 21.69
O5A CMC C . -7.22 22.99 21.61
O6A CMC C . -8.07 20.76 21.20
CBP CMC C . -6.38 19.35 20.66
CCP CMC C . -6.78 20.40 21.65
CDP CMC C . -4.96 18.89 20.96
CEP CMC C . -6.52 19.89 19.25
CAP CMC C . -7.36 18.24 20.87
OAP CMC C . -7.23 17.42 19.76
C9P CMC C . -6.90 17.52 22.09
O9P CMC C . -7.53 17.64 23.14
N8P CMC C . -6.01 16.58 21.94
C7P CMC C . -4.74 16.52 22.64
C6P CMC C . -4.29 15.13 22.81
C5P CMC C . -4.67 14.39 21.55
O5P CMC C . -5.60 13.63 21.54
N4P CMC C . -3.97 14.70 20.48
C3P CMC C . -2.74 15.44 20.61
C2P CMC C . -2.28 16.00 19.29
S1P CMC C . -1.53 14.67 18.33
C1 CMC C . 0.25 15.07 18.36
C2 CMC C . 1.45 14.15 18.79
O21 CMC C . 1.39 14.96 19.79
N MET D . 2.75 13.30 18.46
CA MET D . 2.41 12.03 19.11
C MET D . 3.21 10.99 18.38
O MET D . 2.88 10.79 17.23
CB MET D . 0.97 11.67 18.82
CG MET D . 0.31 10.87 19.88
SD MET D . -1.40 11.07 19.53
CE MET D . -1.96 11.71 21.11
N LEU E . 4.19 10.37 19.01
CA LEU E . 4.97 9.38 18.24
C LEU E . 4.76 7.98 18.84
O LEU E . 5.26 7.03 18.23
CB LEU E . 6.42 9.81 18.27
CG LEU E . 6.66 11.25 18.72
CD1 LEU E . 6.42 11.41 20.20
CD2 LEU E . 8.08 11.67 18.40
#